data_1NH9
# 
_entry.id   1NH9 
# 
_audit_conform.dict_name       mmcif_pdbx.dic 
_audit_conform.dict_version    5.380 
_audit_conform.dict_location   http://mmcif.pdb.org/dictionaries/ascii/mmcif_pdbx.dic 
# 
loop_
_database_2.database_id 
_database_2.database_code 
_database_2.pdbx_database_accession 
_database_2.pdbx_DOI 
PDB   1NH9         pdb_00001nh9 10.2210/pdb1nh9/pdb 
RCSB  RCSB017870   ?            ?                   
WWPDB D_1000017870 ?            ?                   
# 
_pdbx_database_status.status_code                     REL 
_pdbx_database_status.entry_id                        1NH9 
_pdbx_database_status.recvd_initial_deposition_date   2002-12-19 
_pdbx_database_status.deposit_site                    RCSB 
_pdbx_database_status.process_site                    PDBJ 
_pdbx_database_status.status_code_sf                  REL 
_pdbx_database_status.SG_entry                        . 
_pdbx_database_status.pdb_format_compatible           Y 
_pdbx_database_status.status_code_mr                  ? 
_pdbx_database_status.status_code_cs                  ? 
_pdbx_database_status.status_code_nmr_data            ? 
_pdbx_database_status.methods_development_category    ? 
# 
loop_
_audit_author.name 
_audit_author.pdbx_ordinal 
'Wang, G.'    1 
'Bartlam, M.' 2 
'Guo, R.'     3 
'Yang, H.'    4 
'Xue, H.'     5 
'Liu, Y.'     6 
'Huang, L.'   7 
'Rao, Z.'     8 
# 
_citation.id                        primary 
_citation.title                     
'Crystal structure of a DNA binding protein from the hyperthermophilic euryarchaeon Methanococcus jannaschii' 
_citation.journal_abbrev            'Protein Sci.' 
_citation.journal_volume            12 
_citation.page_first                2815 
_citation.page_last                 2822 
_citation.year                      2003 
_citation.journal_id_ASTM           PRCIEI 
_citation.country                   US 
_citation.journal_id_ISSN           0961-8368 
_citation.journal_id_CSD            0795 
_citation.book_publisher            ? 
_citation.pdbx_database_id_PubMed   14627741 
_citation.pdbx_database_id_DOI      10.1110/ps.03325103 
# 
loop_
_citation_author.citation_id 
_citation_author.name 
_citation_author.ordinal 
_citation_author.identifier_ORCID 
primary 'Wang, G.'    1 ? 
primary 'Guo, R.'     2 ? 
primary 'Bartlam, M.' 3 ? 
primary 'Yang, H.'    4 ? 
primary 'Xue, H.'     5 ? 
primary 'Liu, Y.'     6 ? 
primary 'Huang, L.'   7 ? 
primary 'Rao, Z.'     8 ? 
# 
_cell.entry_id           1NH9 
_cell.length_a           51.506 
_cell.length_b           51.506 
_cell.length_c           125.307 
_cell.angle_alpha        90.00 
_cell.angle_beta         90.00 
_cell.angle_gamma        120.00 
_cell.Z_PDB              12 
_cell.pdbx_unique_axis   ? 
# 
_symmetry.entry_id                         1NH9 
_symmetry.space_group_name_H-M             'P 65 2 2' 
_symmetry.pdbx_full_space_group_name_H-M   ? 
_symmetry.cell_setting                     ? 
_symmetry.Int_Tables_number                179 
# 
loop_
_entity.id 
_entity.type 
_entity.src_method 
_entity.pdbx_description 
_entity.formula_weight 
_entity.pdbx_number_of_molecules 
_entity.pdbx_ec 
_entity.pdbx_mutation 
_entity.pdbx_fragment 
_entity.details 
1 polymer man 'DNA-binding protein Alba' 9690.525 1  ? ? ? ? 
2 water   nat water                      18.015   24 ? ? ? ? 
# 
_entity_name_com.entity_id   1 
_entity_name_com.name        Mja10b 
# 
_entity_poly.entity_id                      1 
_entity_poly.type                           'polypeptide(L)' 
_entity_poly.nstd_linkage                   no 
_entity_poly.nstd_monomer                   no 
_entity_poly.pdbx_seq_one_letter_code       
;MDNVVLIGKKPVMNYVVAVLTQLTSNDEVIIKARGKAINKAVDVAEMIRNRFIKDIKIKKIEIGTDKVKNPDGREVNVST
IEIVLAK
;
_entity_poly.pdbx_seq_one_letter_code_can   
;MDNVVLIGKKPVMNYVVAVLTQLTSNDEVIIKARGKAINKAVDVAEMIRNRFIKDIKIKKIEIGTDKVKNPDGREVNVST
IEIVLAK
;
_entity_poly.pdbx_strand_id                 A 
_entity_poly.pdbx_target_identifier         ? 
# 
loop_
_entity_poly_seq.entity_id 
_entity_poly_seq.num 
_entity_poly_seq.mon_id 
_entity_poly_seq.hetero 
1 1  MET n 
1 2  ASP n 
1 3  ASN n 
1 4  VAL n 
1 5  VAL n 
1 6  LEU n 
1 7  ILE n 
1 8  GLY n 
1 9  LYS n 
1 10 LYS n 
1 11 PRO n 
1 12 VAL n 
1 13 MET n 
1 14 ASN n 
1 15 TYR n 
1 16 VAL n 
1 17 VAL n 
1 18 ALA n 
1 19 VAL n 
1 20 LEU n 
1 21 THR n 
1 22 GLN n 
1 23 LEU n 
1 24 THR n 
1 25 SER n 
1 26 ASN n 
1 27 ASP n 
1 28 GLU n 
1 29 VAL n 
1 30 ILE n 
1 31 ILE n 
1 32 LYS n 
1 33 ALA n 
1 34 ARG n 
1 35 GLY n 
1 36 LYS n 
1 37 ALA n 
1 38 ILE n 
1 39 ASN n 
1 40 LYS n 
1 41 ALA n 
1 42 VAL n 
1 43 ASP n 
1 44 VAL n 
1 45 ALA n 
1 46 GLU n 
1 47 MET n 
1 48 ILE n 
1 49 ARG n 
1 50 ASN n 
1 51 ARG n 
1 52 PHE n 
1 53 ILE n 
1 54 LYS n 
1 55 ASP n 
1 56 ILE n 
1 57 LYS n 
1 58 ILE n 
1 59 LYS n 
1 60 LYS n 
1 61 ILE n 
1 62 GLU n 
1 63 ILE n 
1 64 GLY n 
1 65 THR n 
1 66 ASP n 
1 67 LYS n 
1 68 VAL n 
1 69 LYS n 
1 70 ASN n 
1 71 PRO n 
1 72 ASP n 
1 73 GLY n 
1 74 ARG n 
1 75 GLU n 
1 76 VAL n 
1 77 ASN n 
1 78 VAL n 
1 79 SER n 
1 80 THR n 
1 81 ILE n 
1 82 GLU n 
1 83 ILE n 
1 84 VAL n 
1 85 LEU n 
1 86 ALA n 
1 87 LYS n 
# 
_entity_src_gen.entity_id                          1 
_entity_src_gen.pdbx_src_id                        1 
_entity_src_gen.pdbx_alt_source_flag               sample 
_entity_src_gen.pdbx_seq_type                      ? 
_entity_src_gen.pdbx_beg_seq_num                   ? 
_entity_src_gen.pdbx_end_seq_num                   ? 
_entity_src_gen.gene_src_common_name               ? 
_entity_src_gen.gene_src_genus                     Methanocaldococcus 
_entity_src_gen.pdbx_gene_src_gene                 ? 
_entity_src_gen.gene_src_species                   ? 
_entity_src_gen.gene_src_strain                    ? 
_entity_src_gen.gene_src_tissue                    ? 
_entity_src_gen.gene_src_tissue_fraction           ? 
_entity_src_gen.gene_src_details                   ? 
_entity_src_gen.pdbx_gene_src_fragment             ? 
_entity_src_gen.pdbx_gene_src_scientific_name      'Methanocaldococcus jannaschii' 
_entity_src_gen.pdbx_gene_src_ncbi_taxonomy_id     2190 
_entity_src_gen.pdbx_gene_src_variant              ? 
_entity_src_gen.pdbx_gene_src_cell_line            ? 
_entity_src_gen.pdbx_gene_src_atcc                 ? 
_entity_src_gen.pdbx_gene_src_organ                ? 
_entity_src_gen.pdbx_gene_src_organelle            ? 
_entity_src_gen.pdbx_gene_src_cell                 ? 
_entity_src_gen.pdbx_gene_src_cellular_location    ? 
_entity_src_gen.host_org_common_name               ? 
_entity_src_gen.pdbx_host_org_scientific_name      'Escherichia coli BL21(DE3)' 
_entity_src_gen.pdbx_host_org_ncbi_taxonomy_id     469008 
_entity_src_gen.host_org_genus                     Escherichia 
_entity_src_gen.pdbx_host_org_gene                 ? 
_entity_src_gen.pdbx_host_org_organ                ? 
_entity_src_gen.host_org_species                   'Escherichia coli' 
_entity_src_gen.pdbx_host_org_tissue               ? 
_entity_src_gen.pdbx_host_org_tissue_fraction      ? 
_entity_src_gen.pdbx_host_org_strain               'BL21(DE3)' 
_entity_src_gen.pdbx_host_org_variant              ? 
_entity_src_gen.pdbx_host_org_cell_line            ? 
_entity_src_gen.pdbx_host_org_atcc                 ? 
_entity_src_gen.pdbx_host_org_culture_collection   ? 
_entity_src_gen.pdbx_host_org_cell                 ? 
_entity_src_gen.pdbx_host_org_organelle            ? 
_entity_src_gen.pdbx_host_org_cellular_location    ? 
_entity_src_gen.pdbx_host_org_vector_type          Plasmid 
_entity_src_gen.pdbx_host_org_vector               ? 
_entity_src_gen.host_org_details                   ? 
_entity_src_gen.expression_system_id               ? 
_entity_src_gen.plasmid_name                       pET11a 
_entity_src_gen.plasmid_details                    ? 
_entity_src_gen.pdbx_description                   ? 
# 
_struct_ref.id                         1 
_struct_ref.db_name                    UNP 
_struct_ref.db_code                    ALBA_METJA 
_struct_ref.entity_id                  1 
_struct_ref.pdbx_seq_one_letter_code   
;MDNVVLIGKKPVMNYVVAVLTQLTSNDEVIIKARGKAINKAVDVAEMIRNRFIKDIKIKKIEIGTDKVKNPDGREVNVST
IEIVLAK
;
_struct_ref.pdbx_align_begin           1 
_struct_ref.pdbx_db_accession          Q57665 
_struct_ref.pdbx_db_isoform            ? 
# 
_struct_ref_seq.align_id                      1 
_struct_ref_seq.ref_id                        1 
_struct_ref_seq.pdbx_PDB_id_code              1NH9 
_struct_ref_seq.pdbx_strand_id                A 
_struct_ref_seq.seq_align_beg                 1 
_struct_ref_seq.pdbx_seq_align_beg_ins_code   ? 
_struct_ref_seq.seq_align_end                 87 
_struct_ref_seq.pdbx_seq_align_end_ins_code   ? 
_struct_ref_seq.pdbx_db_accession             Q57665 
_struct_ref_seq.db_align_beg                  1 
_struct_ref_seq.pdbx_db_align_beg_ins_code    ? 
_struct_ref_seq.db_align_end                  87 
_struct_ref_seq.pdbx_db_align_end_ins_code    ? 
_struct_ref_seq.pdbx_auth_seq_align_beg       1 
_struct_ref_seq.pdbx_auth_seq_align_end       87 
# 
loop_
_chem_comp.id 
_chem_comp.type 
_chem_comp.mon_nstd_flag 
_chem_comp.name 
_chem_comp.pdbx_synonyms 
_chem_comp.formula 
_chem_comp.formula_weight 
ALA 'L-peptide linking' y ALANINE         ? 'C3 H7 N O2'     89.093  
ARG 'L-peptide linking' y ARGININE        ? 'C6 H15 N4 O2 1' 175.209 
ASN 'L-peptide linking' y ASPARAGINE      ? 'C4 H8 N2 O3'    132.118 
ASP 'L-peptide linking' y 'ASPARTIC ACID' ? 'C4 H7 N O4'     133.103 
GLN 'L-peptide linking' y GLUTAMINE       ? 'C5 H10 N2 O3'   146.144 
GLU 'L-peptide linking' y 'GLUTAMIC ACID' ? 'C5 H9 N O4'     147.129 
GLY 'peptide linking'   y GLYCINE         ? 'C2 H5 N O2'     75.067  
HOH non-polymer         . WATER           ? 'H2 O'           18.015  
ILE 'L-peptide linking' y ISOLEUCINE      ? 'C6 H13 N O2'    131.173 
LEU 'L-peptide linking' y LEUCINE         ? 'C6 H13 N O2'    131.173 
LYS 'L-peptide linking' y LYSINE          ? 'C6 H15 N2 O2 1' 147.195 
MET 'L-peptide linking' y METHIONINE      ? 'C5 H11 N O2 S'  149.211 
PHE 'L-peptide linking' y PHENYLALANINE   ? 'C9 H11 N O2'    165.189 
PRO 'L-peptide linking' y PROLINE         ? 'C5 H9 N O2'     115.130 
SER 'L-peptide linking' y SERINE          ? 'C3 H7 N O3'     105.093 
THR 'L-peptide linking' y THREONINE       ? 'C4 H9 N O3'     119.119 
TYR 'L-peptide linking' y TYROSINE        ? 'C9 H11 N O3'    181.189 
VAL 'L-peptide linking' y VALINE          ? 'C5 H11 N O2'    117.146 
# 
_exptl.entry_id          1NH9 
_exptl.method            'X-RAY DIFFRACTION' 
_exptl.crystals_number   1 
# 
_exptl_crystal.id                    1 
_exptl_crystal.density_meas          ? 
_exptl_crystal.density_Matthews      2.73 
_exptl_crystal.density_percent_sol   54.69 
_exptl_crystal.description           ? 
# 
_exptl_crystal_grow.crystal_id      1 
_exptl_crystal_grow.method          'VAPOR DIFFUSION, HANGING DROP' 
_exptl_crystal_grow.temp            291 
_exptl_crystal_grow.temp_details    ? 
_exptl_crystal_grow.pH              8.25 
_exptl_crystal_grow.pdbx_details    'Tris-HCl, MPD, pH 8.25, VAPOR DIFFUSION, HANGING DROP, temperature 291K' 
_exptl_crystal_grow.pdbx_pH_range   . 
# 
_diffrn.id                     1 
_diffrn.ambient_temp           100 
_diffrn.ambient_temp_details   ? 
_diffrn.crystal_id             1 
# 
_diffrn_detector.diffrn_id              1 
_diffrn_detector.detector               CCD 
_diffrn_detector.type                   SBC-2 
_diffrn_detector.pdbx_collection_date   2002-04-15 
_diffrn_detector.details                mirrors 
# 
_diffrn_radiation.diffrn_id                        1 
_diffrn_radiation.wavelength_id                    1 
_diffrn_radiation.pdbx_monochromatic_or_laue_m_l   M 
_diffrn_radiation.monochromator                    'sagitally focused Si(111)' 
_diffrn_radiation.pdbx_diffrn_protocol             'SINGLE WAVELENGTH' 
_diffrn_radiation.pdbx_scattering_type             x-ray 
# 
_diffrn_radiation_wavelength.id           1 
_diffrn_radiation_wavelength.wavelength   0.9868 
_diffrn_radiation_wavelength.wt           1.0 
# 
_diffrn_source.diffrn_id                   1 
_diffrn_source.source                      SYNCHROTRON 
_diffrn_source.type                        'APS BEAMLINE 19-ID' 
_diffrn_source.pdbx_synchrotron_site       APS 
_diffrn_source.pdbx_synchrotron_beamline   19-ID 
_diffrn_source.pdbx_wavelength             ? 
_diffrn_source.pdbx_wavelength_list        0.9868 
# 
_reflns.entry_id                     1NH9 
_reflns.observed_criterion_sigma_F   ? 
_reflns.observed_criterion_sigma_I   -3.0 
_reflns.d_resolution_high            2.0 
_reflns.d_resolution_low             50 
_reflns.number_all                   7093 
_reflns.number_obs                   7093 
_reflns.percent_possible_obs         97.7 
_reflns.pdbx_Rmerge_I_obs            0.068 
_reflns.pdbx_Rsym_value              ? 
_reflns.pdbx_netI_over_sigmaI        21.4 
_reflns.B_iso_Wilson_estimate        18.90 
_reflns.pdbx_redundancy              13.2 
_reflns.R_free_details               ? 
_reflns.limit_h_max                  ? 
_reflns.limit_h_min                  ? 
_reflns.limit_k_max                  ? 
_reflns.limit_k_min                  ? 
_reflns.limit_l_max                  ? 
_reflns.limit_l_min                  ? 
_reflns.observed_criterion_F_max     ? 
_reflns.observed_criterion_F_min     ? 
_reflns.pdbx_diffrn_id               1 
_reflns.pdbx_ordinal                 1 
# 
_reflns_shell.d_res_high             2.00 
_reflns_shell.d_res_low              2.07 
_reflns_shell.percent_possible_all   99.1 
_reflns_shell.Rmerge_I_obs           0.438 
_reflns_shell.pdbx_Rsym_value        ? 
_reflns_shell.meanI_over_sigI_obs    4.2 
_reflns_shell.pdbx_redundancy        13.6 
_reflns_shell.percent_possible_obs   ? 
_reflns_shell.number_unique_all      692 
_reflns_shell.pdbx_diffrn_id         ? 
_reflns_shell.pdbx_ordinal           1 
# 
_refine.entry_id                                 1NH9 
_refine.ls_d_res_high                            2.0 
_refine.ls_d_res_low                             20 
_refine.pdbx_ls_sigma_F                          0 
_refine.pdbx_ls_sigma_I                          ? 
_refine.ls_number_reflns_all                     ? 
_refine.ls_number_reflns_obs                     6217 
_refine.ls_number_reflns_R_free                  678 
_refine.ls_percent_reflns_obs                    94.2 
_refine.ls_R_factor_all                          ? 
_refine.ls_R_factor_obs                          ? 
_refine.ls_R_factor_R_work                       0.209 
_refine.ls_R_factor_R_free                       0.264 
_refine.ls_redundancy_reflns_obs                 ? 
_refine.pdbx_data_cutoff_high_absF               ? 
_refine.pdbx_data_cutoff_low_absF                ? 
_refine.ls_number_parameters                     ? 
_refine.ls_number_restraints                     ? 
_refine.ls_percent_reflns_R_free                 10.0 
_refine.ls_R_factor_R_free_error                 0.006 
_refine.ls_R_factor_R_free_error_details         ? 
_refine.pdbx_method_to_determine_struct          'MOLECULAR REPLACEMENT' 
_refine.pdbx_starting_model                      'PDB ENTRY 1h0x' 
_refine.pdbx_ls_cross_valid_method               THROUGHOUT 
_refine.pdbx_R_Free_selection_details            random 
_refine.pdbx_stereochem_target_val_spec_case     ? 
_refine.pdbx_stereochemistry_target_values       'Engh & Huber' 
_refine.solvent_model_details                    ? 
_refine.solvent_model_param_bsol                 ? 
_refine.solvent_model_param_ksol                 ? 
_refine.occupancy_max                            ? 
_refine.occupancy_min                            ? 
_refine.pdbx_isotropic_thermal_model             overall 
_refine.B_iso_mean                               40.20 
_refine.aniso_B[1][1]                            -0.818 
_refine.aniso_B[1][2]                            -1.751 
_refine.aniso_B[1][3]                            0.000 
_refine.aniso_B[2][2]                            -0.818 
_refine.aniso_B[2][3]                            0.000 
_refine.aniso_B[3][3]                            1.635 
_refine.details                                  ? 
_refine.B_iso_min                                ? 
_refine.B_iso_max                                ? 
_refine.correlation_coeff_Fo_to_Fc               ? 
_refine.correlation_coeff_Fo_to_Fc_free          ? 
_refine.pdbx_solvent_vdw_probe_radii             ? 
_refine.pdbx_solvent_ion_probe_radii             ? 
_refine.pdbx_solvent_shrinkage_radii             ? 
_refine.overall_SU_R_Cruickshank_DPI             ? 
_refine.overall_SU_R_free                        ? 
_refine.overall_SU_B                             ? 
_refine.overall_SU_ML                            ? 
_refine.pdbx_overall_ESU_R                       ? 
_refine.pdbx_overall_ESU_R_Free                  ? 
_refine.pdbx_data_cutoff_high_rms_absF           ? 
_refine.pdbx_refine_id                           'X-RAY DIFFRACTION' 
_refine.pdbx_diffrn_id                           1 
_refine.pdbx_TLS_residual_ADP_flag               ? 
_refine.pdbx_overall_phase_error                 ? 
_refine.pdbx_overall_SU_R_free_Cruickshank_DPI   ? 
_refine.pdbx_overall_SU_R_Blow_DPI               ? 
_refine.pdbx_overall_SU_R_free_Blow_DPI          ? 
# 
_refine_analyze.entry_id                        1NH9 
_refine_analyze.Luzzati_coordinate_error_obs    0.25 
_refine_analyze.Luzzati_sigma_a_obs             0.18 
_refine_analyze.Luzzati_d_res_low_obs           5.0 
_refine_analyze.Luzzati_coordinate_error_free   0.24 
_refine_analyze.Luzzati_sigma_a_free            0.14 
_refine_analyze.Luzzati_d_res_low_free          ? 
_refine_analyze.number_disordered_residues      ? 
_refine_analyze.occupancy_sum_non_hydrogen      ? 
_refine_analyze.occupancy_sum_hydrogen          ? 
_refine_analyze.pdbx_Luzzati_d_res_high_obs     ? 
_refine_analyze.pdbx_refine_id                  'X-RAY DIFFRACTION' 
# 
_refine_hist.pdbx_refine_id                   'X-RAY DIFFRACTION' 
_refine_hist.cycle_id                         LAST 
_refine_hist.pdbx_number_atoms_protein        619 
_refine_hist.pdbx_number_atoms_nucleic_acid   0 
_refine_hist.pdbx_number_atoms_ligand         0 
_refine_hist.number_atoms_solvent             24 
_refine_hist.number_atoms_total               643 
_refine_hist.d_res_high                       2.0 
_refine_hist.d_res_low                        20 
# 
loop_
_refine_ls_restr.type 
_refine_ls_restr.dev_ideal 
_refine_ls_restr.dev_ideal_target 
_refine_ls_restr.weight 
_refine_ls_restr.number 
_refine_ls_restr.pdbx_refine_id 
_refine_ls_restr.pdbx_restraint_function 
c_bond_d           0.009 ? ? ? 'X-RAY DIFFRACTION' ? 
c_angle_deg        1.4   ? ? ? 'X-RAY DIFFRACTION' ? 
c_dihedral_angle_d 24.6  ? ? ? 'X-RAY DIFFRACTION' ? 
c_improper_angle_d 0.78  ? ? ? 'X-RAY DIFFRACTION' ? 
# 
_refine_ls_shell.pdbx_total_number_of_bins_used   12 
_refine_ls_shell.d_res_high                       2.0 
_refine_ls_shell.d_res_low                        2.06 
_refine_ls_shell.number_reflns_R_work             761 
_refine_ls_shell.R_factor_R_work                  0.263 
_refine_ls_shell.percent_reflns_obs               81.1 
_refine_ls_shell.R_factor_R_free                  0.288 
_refine_ls_shell.R_factor_R_free_error            0.030 
_refine_ls_shell.percent_reflns_R_free            10.7 
_refine_ls_shell.number_reflns_R_free             121 
_refine_ls_shell.number_reflns_obs                1298 
_refine_ls_shell.redundancy_reflns_obs            ? 
_refine_ls_shell.number_reflns_all                ? 
_refine_ls_shell.pdbx_refine_id                   'X-RAY DIFFRACTION' 
_refine_ls_shell.R_factor_all                     ? 
# 
_struct.entry_id                  1NH9 
_struct.title                     
'Crystal Structure of a DNA Binding Protein Mja10b from the hyperthermophile Methanococcus jannaschii' 
_struct.pdbx_model_details        ? 
_struct.pdbx_CASP_flag            ? 
_struct.pdbx_model_type_details   ? 
# 
_struct_keywords.entry_id        1NH9 
_struct_keywords.pdbx_keywords   'DNA BINDING PROTEIN' 
_struct_keywords.text            'Mja10b, DNA Binding Protein' 
# 
loop_
_struct_asym.id 
_struct_asym.pdbx_blank_PDB_chainid_flag 
_struct_asym.pdbx_modified 
_struct_asym.entity_id 
_struct_asym.details 
A N N 1 ? 
B N N 2 ? 
# 
_struct_biol.id                    1 
_struct_biol.details               'The biological assembly is a monomer in the asymmetric unit' 
_struct_biol.pdbx_parent_biol_id   ? 
# 
loop_
_struct_conf.conf_type_id 
_struct_conf.id 
_struct_conf.pdbx_PDB_helix_id 
_struct_conf.beg_label_comp_id 
_struct_conf.beg_label_asym_id 
_struct_conf.beg_label_seq_id 
_struct_conf.pdbx_beg_PDB_ins_code 
_struct_conf.end_label_comp_id 
_struct_conf.end_label_asym_id 
_struct_conf.end_label_seq_id 
_struct_conf.pdbx_end_PDB_ins_code 
_struct_conf.beg_auth_comp_id 
_struct_conf.beg_auth_asym_id 
_struct_conf.beg_auth_seq_id 
_struct_conf.end_auth_comp_id 
_struct_conf.end_auth_asym_id 
_struct_conf.end_auth_seq_id 
_struct_conf.pdbx_PDB_helix_class 
_struct_conf.details 
_struct_conf.pdbx_PDB_helix_length 
HELX_P HELX_P1 1 PRO A 11 ? ASN A 26 ? PRO A 11 ASN A 26 1 ? 16 
HELX_P HELX_P2 2 ALA A 37 ? PHE A 52 ? ALA A 37 PHE A 52 1 ? 16 
# 
_struct_conf_type.id          HELX_P 
_struct_conf_type.criteria    ? 
_struct_conf_type.reference   ? 
# 
_struct_sheet.id               A 
_struct_sheet.type             ? 
_struct_sheet.number_strands   4 
_struct_sheet.details          ? 
# 
loop_
_struct_sheet_order.sheet_id 
_struct_sheet_order.range_id_1 
_struct_sheet_order.range_id_2 
_struct_sheet_order.offset 
_struct_sheet_order.sense 
A 1 2 ? parallel      
A 2 3 ? anti-parallel 
A 3 4 ? anti-parallel 
# 
loop_
_struct_sheet_range.sheet_id 
_struct_sheet_range.id 
_struct_sheet_range.beg_label_comp_id 
_struct_sheet_range.beg_label_asym_id 
_struct_sheet_range.beg_label_seq_id 
_struct_sheet_range.pdbx_beg_PDB_ins_code 
_struct_sheet_range.end_label_comp_id 
_struct_sheet_range.end_label_asym_id 
_struct_sheet_range.end_label_seq_id 
_struct_sheet_range.pdbx_end_PDB_ins_code 
_struct_sheet_range.beg_auth_comp_id 
_struct_sheet_range.beg_auth_asym_id 
_struct_sheet_range.beg_auth_seq_id 
_struct_sheet_range.end_auth_comp_id 
_struct_sheet_range.end_auth_asym_id 
_struct_sheet_range.end_auth_seq_id 
A 1 VAL A 4  ? ILE A 7  ? VAL A 4  ILE A 7  
A 2 GLU A 28 ? ARG A 34 ? GLU A 28 ARG A 34 
A 3 VAL A 78 ? ALA A 86 ? VAL A 78 ALA A 86 
A 4 LYS A 57 ? ASP A 66 ? LYS A 57 ASP A 66 
# 
loop_
_pdbx_struct_sheet_hbond.sheet_id 
_pdbx_struct_sheet_hbond.range_id_1 
_pdbx_struct_sheet_hbond.range_id_2 
_pdbx_struct_sheet_hbond.range_1_label_atom_id 
_pdbx_struct_sheet_hbond.range_1_label_comp_id 
_pdbx_struct_sheet_hbond.range_1_label_asym_id 
_pdbx_struct_sheet_hbond.range_1_label_seq_id 
_pdbx_struct_sheet_hbond.range_1_PDB_ins_code 
_pdbx_struct_sheet_hbond.range_1_auth_atom_id 
_pdbx_struct_sheet_hbond.range_1_auth_comp_id 
_pdbx_struct_sheet_hbond.range_1_auth_asym_id 
_pdbx_struct_sheet_hbond.range_1_auth_seq_id 
_pdbx_struct_sheet_hbond.range_2_label_atom_id 
_pdbx_struct_sheet_hbond.range_2_label_comp_id 
_pdbx_struct_sheet_hbond.range_2_label_asym_id 
_pdbx_struct_sheet_hbond.range_2_label_seq_id 
_pdbx_struct_sheet_hbond.range_2_PDB_ins_code 
_pdbx_struct_sheet_hbond.range_2_auth_atom_id 
_pdbx_struct_sheet_hbond.range_2_auth_comp_id 
_pdbx_struct_sheet_hbond.range_2_auth_asym_id 
_pdbx_struct_sheet_hbond.range_2_auth_seq_id 
A 1 2 N ILE A 7  ? N ILE A 7  O LYS A 32 ? O LYS A 32 
A 2 3 N ILE A 31 ? N ILE A 31 O ILE A 83 ? O ILE A 83 
A 3 4 O VAL A 78 ? O VAL A 78 N ASP A 66 ? N ASP A 66 
# 
_atom_sites.entry_id                    1NH9 
_atom_sites.fract_transf_matrix[1][1]   -0.00400304 
_atom_sites.fract_transf_matrix[1][2]   -0.02164577 
_atom_sites.fract_transf_matrix[1][3]   -0.00424503 
_atom_sites.fract_transf_matrix[2][1]   0.01692070 
_atom_sites.fract_transf_matrix[2][2]   -0.01367926 
_atom_sites.fract_transf_matrix[2][3]   -0.00540179 
_atom_sites.fract_transf_matrix[3][1]   0.00107907 
_atom_sites.fract_transf_matrix[3][2]   -0.00171332 
_atom_sites.fract_transf_matrix[3][3]   0.00771884 
_atom_sites.fract_transf_vector[1]      0.109773 
_atom_sites.fract_transf_vector[2]      0.601813 
_atom_sites.fract_transf_vector[3]      -1.468749 
# 
loop_
_atom_type.symbol 
C 
N 
O 
S 
# 
loop_
_atom_site.group_PDB 
_atom_site.id 
_atom_site.type_symbol 
_atom_site.label_atom_id 
_atom_site.label_alt_id 
_atom_site.label_comp_id 
_atom_site.label_asym_id 
_atom_site.label_entity_id 
_atom_site.label_seq_id 
_atom_site.pdbx_PDB_ins_code 
_atom_site.Cartn_x 
_atom_site.Cartn_y 
_atom_site.Cartn_z 
_atom_site.occupancy 
_atom_site.B_iso_or_equiv 
_atom_site.pdbx_formal_charge 
_atom_site.auth_seq_id 
_atom_site.auth_comp_id 
_atom_site.auth_asym_id 
_atom_site.auth_atom_id 
_atom_site.pdbx_PDB_model_num 
ATOM   1   N N   . MET A 1 1  ? -1.328  17.515  -0.107  1.00 84.30  ? 1   MET A N   1 
ATOM   2   C CA  . MET A 1 1  ? -1.633  16.131  0.360   1.00 72.89  ? 1   MET A CA  1 
ATOM   3   C C   . MET A 1 1  ? -0.379  15.254  0.445   1.00 61.29  ? 1   MET A C   1 
ATOM   4   O O   . MET A 1 1  ? 0.571   15.422  -0.333  1.00 50.73  ? 1   MET A O   1 
ATOM   5   C CB  . MET A 1 1  ? -2.650  15.467  -0.580  1.00 94.25  ? 1   MET A CB  1 
ATOM   6   C CG  . MET A 1 1  ? -3.037  14.041  -0.170  1.00 100.71 ? 1   MET A CG  1 
ATOM   7   S SD  . MET A 1 1  ? -4.188  13.203  -1.294  1.00 113.29 ? 1   MET A SD  1 
ATOM   8   C CE  . MET A 1 1  ? -4.279  11.562  -0.532  1.00 87.62  ? 1   MET A CE  1 
ATOM   9   N N   . ASP A 1 2  ? -0.382  14.324  1.400   1.00 37.81  ? 2   ASP A N   1 
ATOM   10  C CA  . ASP A 1 2  ? 0.730   13.399  1.581   1.00 53.83  ? 2   ASP A CA  1 
ATOM   11  C C   . ASP A 1 2  ? 0.653   12.296  0.526   1.00 50.96  ? 2   ASP A C   1 
ATOM   12  O O   . ASP A 1 2  ? -0.178  12.337  -0.375  1.00 37.55  ? 2   ASP A O   1 
ATOM   13  C CB  . ASP A 1 2  ? 0.730   12.784  2.992   1.00 37.18  ? 2   ASP A CB  1 
ATOM   14  C CG  . ASP A 1 2  ? -0.551  12.023  3.308   1.00 34.20  ? 2   ASP A CG  1 
ATOM   15  O OD1 . ASP A 1 2  ? -0.957  11.164  2.494   1.00 94.13  ? 2   ASP A OD1 1 
ATOM   16  O OD2 . ASP A 1 2  ? -1.149  12.286  4.374   1.00 98.61  ? 2   ASP A OD2 1 
ATOM   17  N N   . ASN A 1 3  ? 1.511   11.300  0.655   1.00 30.20  ? 3   ASN A N   1 
ATOM   18  C CA  . ASN A 1 3  ? 1.580   10.227  -0.324  1.00 29.05  ? 3   ASN A CA  1 
ATOM   19  C C   . ASN A 1 3  ? 1.154   8.866   0.245   1.00 32.03  ? 3   ASN A C   1 
ATOM   20  O O   . ASN A 1 3  ? 1.685   7.842   -0.146  1.00 27.99  ? 3   ASN A O   1 
ATOM   21  C CB  . ASN A 1 3  ? 3.020   10.154  -0.816  1.00 23.28  ? 3   ASN A CB  1 
ATOM   22  C CG  . ASN A 1 3  ? 4.005   9.796   0.305   1.00 31.84  ? 3   ASN A CG  1 
ATOM   23  O OD1 . ASN A 1 3  ? 3.735   10.019  1.489   1.00 31.15  ? 3   ASN A OD1 1 
ATOM   24  N ND2 . ASN A 1 3  ? 5.152   9.250   -0.072  1.00 25.08  ? 3   ASN A ND2 1 
ATOM   25  N N   . VAL A 1 4  ? 0.191   8.862   1.157   1.00 23.02  ? 4   VAL A N   1 
ATOM   26  C CA  . VAL A 1 4  ? -0.234  7.621   1.806   1.00 37.03  ? 4   VAL A CA  1 
ATOM   27  C C   . VAL A 1 4  ? -1.570  7.120   1.308   1.00 51.81  ? 4   VAL A C   1 
ATOM   28  O O   . VAL A 1 4  ? -2.467  7.916   1.030   1.00 31.94  ? 4   VAL A O   1 
ATOM   29  C CB  . VAL A 1 4  ? -0.373  7.812   3.349   1.00 30.08  ? 4   VAL A CB  1 
ATOM   30  C CG1 . VAL A 1 4  ? -0.842  6.517   4.015   1.00 25.52  ? 4   VAL A CG1 1 
ATOM   31  C CG2 . VAL A 1 4  ? 0.943   8.283   3.942   1.00 41.29  ? 4   VAL A CG2 1 
ATOM   32  N N   . VAL A 1 5  ? -1.688  5.798   1.189   1.00 24.54  ? 5   VAL A N   1 
ATOM   33  C CA  . VAL A 1 5  ? -2.936  5.172   0.796   1.00 24.80  ? 5   VAL A CA  1 
ATOM   34  C C   . VAL A 1 5  ? -3.253  4.138   1.884   1.00 21.45  ? 5   VAL A C   1 
ATOM   35  O O   . VAL A 1 5  ? -2.515  3.168   2.066   1.00 20.83  ? 5   VAL A O   1 
ATOM   36  C CB  . VAL A 1 5  ? -2.828  4.462   -0.560  1.00 30.41  ? 5   VAL A CB  1 
ATOM   37  C CG1 . VAL A 1 5  ? -4.157  3.788   -0.889  1.00 27.59  ? 5   VAL A CG1 1 
ATOM   38  C CG2 . VAL A 1 5  ? -2.472  5.472   -1.639  1.00 24.31  ? 5   VAL A CG2 1 
ATOM   39  N N   . LEU A 1 6  ? -4.350  4.374   2.598   1.00 17.51  ? 6   LEU A N   1 
ATOM   40  C CA  . LEU A 1 6  ? -4.810  3.511   3.671   1.00 29.97  ? 6   LEU A CA  1 
ATOM   41  C C   . LEU A 1 6  ? -5.679  2.404   3.093   1.00 35.66  ? 6   LEU A C   1 
ATOM   42  O O   . LEU A 1 6  ? -6.754  2.664   2.577   1.00 28.37  ? 6   LEU A O   1 
ATOM   43  C CB  . LEU A 1 6  ? -5.608  4.339   4.667   1.00 29.14  ? 6   LEU A CB  1 
ATOM   44  C CG  . LEU A 1 6  ? -4.839  5.553   5.193   1.00 56.53  ? 6   LEU A CG  1 
ATOM   45  C CD1 . LEU A 1 6  ? -5.749  6.402   6.078   1.00 54.88  ? 6   LEU A CD1 1 
ATOM   46  C CD2 . LEU A 1 6  ? -3.609  5.087   5.965   1.00 41.57  ? 6   LEU A CD2 1 
ATOM   47  N N   . ILE A 1 7  ? -5.210  1.166   3.180   1.00 21.18  ? 7   ILE A N   1 
ATOM   48  C CA  . ILE A 1 7  ? -5.952  0.030   2.629   1.00 24.08  ? 7   ILE A CA  1 
ATOM   49  C C   . ILE A 1 7  ? -6.981  -0.479  3.634   1.00 34.42  ? 7   ILE A C   1 
ATOM   50  O O   . ILE A 1 7  ? -6.630  -0.899  4.735   1.00 33.60  ? 7   ILE A O   1 
ATOM   51  C CB  . ILE A 1 7  ? -5.008  -1.133  2.268   1.00 30.78  ? 7   ILE A CB  1 
ATOM   52  C CG1 . ILE A 1 7  ? -3.884  -0.640  1.356   1.00 37.22  ? 7   ILE A CG1 1 
ATOM   53  C CG2 . ILE A 1 7  ? -5.806  -2.274  1.628   1.00 35.39  ? 7   ILE A CG2 1 
ATOM   54  C CD1 . ILE A 1 7  ? -4.295  -0.249  -0.049  1.00 28.45  ? 7   ILE A CD1 1 
ATOM   55  N N   . GLY A 1 8  ? -8.253  -0.434  3.249   1.00 24.82  ? 8   GLY A N   1 
ATOM   56  C CA  . GLY A 1 8  ? -9.301  -0.908  4.130   1.00 33.42  ? 8   GLY A CA  1 
ATOM   57  C C   . GLY A 1 8  ? -10.205 -1.948  3.482   1.00 25.64  ? 8   GLY A C   1 
ATOM   58  O O   . GLY A 1 8  ? -9.748  -2.874  2.811   1.00 34.02  ? 8   GLY A O   1 
ATOM   59  N N   . LYS A 1 9  ? -11.505 -1.766  3.670   1.00 32.64  ? 9   LYS A N   1 
ATOM   60  C CA  . LYS A 1 9  ? -12.499 -2.688  3.162   1.00 29.73  ? 9   LYS A CA  1 
ATOM   61  C C   . LYS A 1 9  ? -12.922 -2.556  1.708   1.00 23.99  ? 9   LYS A C   1 
ATOM   62  O O   . LYS A 1 9  ? -13.658 -3.409  1.210   1.00 32.92  ? 9   LYS A O   1 
ATOM   63  C CB  . LYS A 1 9  ? -13.738 -2.628  4.062   1.00 33.17  ? 9   LYS A CB  1 
ATOM   64  C CG  . LYS A 1 9  ? -13.528 -3.268  5.414   1.00 57.68  ? 9   LYS A CG  1 
ATOM   65  C CD  . LYS A 1 9  ? -13.323 -4.769  5.276   1.00 54.18  ? 9   LYS A CD  1 
ATOM   66  C CE  . LYS A 1 9  ? -13.097 -5.413  6.632   1.00 67.58  ? 9   LYS A CE  1 
ATOM   67  N NZ  . LYS A 1 9  ? -14.168 -5.037  7.596   1.00 61.04  ? 9   LYS A NZ  1 
ATOM   68  N N   . LYS A 1 10 ? -12.478 -1.514  1.015   1.00 25.10  ? 10  LYS A N   1 
ATOM   69  C CA  . LYS A 1 10 ? -12.881 -1.360  -0.381  1.00 26.35  ? 10  LYS A CA  1 
ATOM   70  C C   . LYS A 1 10 ? -12.261 -2.430  -1.298  1.00 27.05  ? 10  LYS A C   1 
ATOM   71  O O   . LYS A 1 10 ? -11.272 -3.068  -0.935  1.00 25.65  ? 10  LYS A O   1 
ATOM   72  C CB  . LYS A 1 10 ? -12.503 0.031   -0.889  1.00 30.21  ? 10  LYS A CB  1 
ATOM   73  C CG  . LYS A 1 10 ? -13.132 1.162   -0.096  1.00 44.66  ? 10  LYS A CG  1 
ATOM   74  C CD  . LYS A 1 10 ? -13.567 2.296   -1.018  1.00 76.46  ? 10  LYS A CD  1 
ATOM   75  C CE  . LYS A 1 10 ? -12.426 2.788   -1.907  1.00 87.97  ? 10  LYS A CE  1 
ATOM   76  N NZ  . LYS A 1 10 ? -12.909 3.718   -2.975  1.00 72.00  ? 10  LYS A NZ  1 
ATOM   77  N N   . PRO A 1 11 ? -12.844 -2.649  -2.496  1.00 30.85  ? 11  PRO A N   1 
ATOM   78  C CA  . PRO A 1 11 ? -12.277 -3.663  -3.398  1.00 32.06  ? 11  PRO A CA  1 
ATOM   79  C C   . PRO A 1 11 ? -10.846 -3.305  -3.807  1.00 36.51  ? 11  PRO A C   1 
ATOM   80  O O   . PRO A 1 11 ? -10.510 -2.132  -3.980  1.00 28.77  ? 11  PRO A O   1 
ATOM   81  C CB  . PRO A 1 11 ? -13.240 -3.654  -4.584  1.00 40.65  ? 11  PRO A CB  1 
ATOM   82  C CG  . PRO A 1 11 ? -14.555 -3.292  -3.942  1.00 32.33  ? 11  PRO A CG  1 
ATOM   83  C CD  . PRO A 1 11 ? -14.133 -2.158  -3.013  1.00 34.10  ? 11  PRO A CD  1 
ATOM   84  N N   . VAL A 1 12 ? -10.016 -4.325  -3.972  1.00 33.11  ? 12  VAL A N   1 
ATOM   85  C CA  . VAL A 1 12 ? -8.619  -4.132  -4.329  1.00 26.48  ? 12  VAL A CA  1 
ATOM   86  C C   . VAL A 1 12 ? -8.387  -3.112  -5.440  1.00 28.99  ? 12  VAL A C   1 
ATOM   87  O O   . VAL A 1 12 ? -7.497  -2.279  -5.333  1.00 23.80  ? 12  VAL A O   1 
ATOM   88  C CB  . VAL A 1 12 ? -7.955  -5.494  -4.722  1.00 30.02  ? 12  VAL A CB  1 
ATOM   89  C CG1 . VAL A 1 12 ? -6.517  -5.284  -5.189  1.00 30.59  ? 12  VAL A CG1 1 
ATOM   90  C CG2 . VAL A 1 12 ? -7.963  -6.428  -3.528  1.00 37.41  ? 12  VAL A CG2 1 
ATOM   91  N N   . MET A 1 13 ? -9.195  -3.148  -6.494  1.00 25.40  ? 13  MET A N   1 
ATOM   92  C CA  . MET A 1 13 ? -8.977  -2.238  -7.612  1.00 20.13  ? 13  MET A CA  1 
ATOM   93  C C   . MET A 1 13 ? -9.068  -0.758  -7.261  1.00 20.68  ? 13  MET A C   1 
ATOM   94  O O   . MET A 1 13 ? -8.354  0.053   -7.846  1.00 28.98  ? 13  MET A O   1 
ATOM   95  C CB  . MET A 1 13 ? -9.926  -2.583  -8.764  1.00 32.67  ? 13  MET A CB  1 
ATOM   96  C CG  . MET A 1 13 ? -9.397  -2.192  -10.133 1.00 41.68  ? 13  MET A CG  1 
ATOM   97  S SD  . MET A 1 13 ? -7.649  -2.656  -10.482 1.00 65.18  ? 13  MET A SD  1 
ATOM   98  C CE  . MET A 1 13 ? -7.602  -4.392  -10.080 1.00 30.52  ? 13  MET A CE  1 
ATOM   99  N N   . ASN A 1 14 ? -9.936  -0.415  -6.313  1.00 22.85  ? 14  ASN A N   1 
ATOM   100 C CA  . ASN A 1 14 ? -10.081 0.969   -5.860  1.00 26.88  ? 14  ASN A CA  1 
ATOM   101 C C   . ASN A 1 14 ? -8.736  1.472   -5.303  1.00 26.61  ? 14  ASN A C   1 
ATOM   102 O O   . ASN A 1 14 ? -8.331  2.600   -5.564  1.00 26.57  ? 14  ASN A O   1 
ATOM   103 C CB  . ASN A 1 14 ? -11.144 1.052   -4.768  1.00 24.98  ? 14  ASN A CB  1 
ATOM   104 C CG  . ASN A 1 14 ? -12.535 0.706   -5.277  1.00 49.44  ? 14  ASN A CG  1 
ATOM   105 O OD1 . ASN A 1 14 ? -12.715 -0.224  -6.067  1.00 48.48  ? 14  ASN A OD1 1 
ATOM   106 N ND2 . ASN A 1 14 ? -13.526 1.446   -4.816  1.00 44.79  ? 14  ASN A ND2 1 
ATOM   107 N N   . TYR A 1 15 ? -8.049  0.629   -4.539  1.00 25.92  ? 15  TYR A N   1 
ATOM   108 C CA  . TYR A 1 15 ? -6.750  1.007   -3.970  1.00 30.19  ? 15  TYR A CA  1 
ATOM   109 C C   . TYR A 1 15 ? -5.669  0.990   -5.027  1.00 26.92  ? 15  TYR A C   1 
ATOM   110 O O   . TYR A 1 15 ? -4.703  1.747   -4.957  1.00 24.85  ? 15  TYR A O   1 
ATOM   111 C CB  . TYR A 1 15 ? -6.378  0.060   -2.828  1.00 22.36  ? 15  TYR A CB  1 
ATOM   112 C CG  . TYR A 1 15 ? -7.344  0.148   -1.690  1.00 19.38  ? 15  TYR A CG  1 
ATOM   113 C CD1 . TYR A 1 15 ? -8.072  -0.972  -1.270  1.00 17.81  ? 15  TYR A CD1 1 
ATOM   114 C CD2 . TYR A 1 15 ? -7.572  1.360   -1.054  1.00 19.41  ? 15  TYR A CD2 1 
ATOM   115 C CE1 . TYR A 1 15 ? -9.004  -0.875  -0.241  1.00 26.37  ? 15  TYR A CE1 1 
ATOM   116 C CE2 . TYR A 1 15 ? -8.517  1.472   -0.027  1.00 21.29  ? 15  TYR A CE2 1 
ATOM   117 C CZ  . TYR A 1 15 ? -9.222  0.355   0.370   1.00 27.22  ? 15  TYR A CZ  1 
ATOM   118 O OH  . TYR A 1 15 ? -10.150 0.467   1.375   1.00 28.66  ? 15  TYR A OH  1 
ATOM   119 N N   . VAL A 1 16 ? -5.805  0.108   -6.009  1.00 24.19  ? 16  VAL A N   1 
ATOM   120 C CA  . VAL A 1 16 ? -4.827  0.094   -7.082  1.00 20.94  ? 16  VAL A CA  1 
ATOM   121 C C   . VAL A 1 16 ? -4.905  1.469   -7.777  1.00 27.56  ? 16  VAL A C   1 
ATOM   122 O O   . VAL A 1 16 ? -3.893  2.080   -8.091  1.00 24.20  ? 16  VAL A O   1 
ATOM   123 C CB  . VAL A 1 16 ? -5.134  -1.004  -8.129  1.00 25.04  ? 16  VAL A CB  1 
ATOM   124 C CG1 . VAL A 1 16 ? -4.316  -0.742  -9.407  1.00 24.57  ? 16  VAL A CG1 1 
ATOM   125 C CG2 . VAL A 1 16 ? -4.795  -2.388  -7.542  1.00 22.73  ? 16  VAL A CG2 1 
ATOM   126 N N   . VAL A 1 17 ? -6.114  1.943   -8.044  1.00 25.41  ? 17  VAL A N   1 
ATOM   127 C CA  . VAL A 1 17 ? -6.259  3.254   -8.690  1.00 25.63  ? 17  VAL A CA  1 
ATOM   128 C C   . VAL A 1 17 ? -5.767  4.391   -7.762  1.00 22.11  ? 17  VAL A C   1 
ATOM   129 O O   . VAL A 1 17 ? -5.178  5.353   -8.226  1.00 24.75  ? 17  VAL A O   1 
ATOM   130 C CB  . VAL A 1 17 ? -7.737  3.535   -9.074  1.00 33.64  ? 17  VAL A CB  1 
ATOM   131 C CG1 . VAL A 1 17 ? -7.860  4.947   -9.654  1.00 29.32  ? 17  VAL A CG1 1 
ATOM   132 C CG2 . VAL A 1 17 ? -8.224  2.499   -10.106 1.00 34.51  ? 17  VAL A CG2 1 
ATOM   133 N N   . ALA A 1 18 ? -6.009  4.269   -6.457  1.00 24.11  ? 18  ALA A N   1 
ATOM   134 C CA  . ALA A 1 18 ? -5.577  5.315   -5.529  1.00 25.52  ? 18  ALA A CA  1 
ATOM   135 C C   . ALA A 1 18 ? -4.057  5.392   -5.518  1.00 28.70  ? 18  ALA A C   1 
ATOM   136 O O   . ALA A 1 18 ? -3.494  6.494   -5.501  1.00 25.48  ? 18  ALA A O   1 
ATOM   137 C CB  . ALA A 1 18 ? -6.133  5.044   -4.105  1.00 21.91  ? 18  ALA A CB  1 
ATOM   138 N N   . VAL A 1 19 ? -3.389  4.237   -5.562  1.00 19.91  ? 19  VAL A N   1 
ATOM   139 C CA  . VAL A 1 19 ? -1.925  4.207   -5.591  1.00 17.65  ? 19  VAL A CA  1 
ATOM   140 C C   . VAL A 1 19 ? -1.418  4.828   -6.899  1.00 23.48  ? 19  VAL A C   1 
ATOM   141 O O   . VAL A 1 19 ? -0.424  5.546   -6.899  1.00 25.26  ? 19  VAL A O   1 
ATOM   142 C CB  . VAL A 1 19 ? -1.360  2.756   -5.479  1.00 19.72  ? 19  VAL A CB  1 
ATOM   143 C CG1 . VAL A 1 19 ? 0.144   2.750   -5.795  1.00 20.59  ? 19  VAL A CG1 1 
ATOM   144 C CG2 . VAL A 1 19 ? -1.597  2.212   -4.084  1.00 21.12  ? 19  VAL A CG2 1 
ATOM   145 N N   . LEU A 1 20 ? -2.076  4.526   -8.017  1.00 31.50  ? 20  LEU A N   1 
ATOM   146 C CA  . LEU A 1 20 ? -1.680  5.101   -9.313  1.00 32.81  ? 20  LEU A CA  1 
ATOM   147 C C   . LEU A 1 20 ? -1.850  6.625   -9.265  1.00 21.23  ? 20  LEU A C   1 
ATOM   148 O O   . LEU A 1 20 ? -1.037  7.370   -9.791  1.00 29.16  ? 20  LEU A O   1 
ATOM   149 C CB  . LEU A 1 20 ? -2.553  4.525   -10.445 1.00 25.22  ? 20  LEU A CB  1 
ATOM   150 C CG  . LEU A 1 20 ? -2.277  3.034   -10.663 1.00 27.82  ? 20  LEU A CG  1 
ATOM   151 C CD1 . LEU A 1 20 ? -3.211  2.462   -11.730 1.00 34.05  ? 20  LEU A CD1 1 
ATOM   152 C CD2 . LEU A 1 20 ? -0.810  2.864   -11.070 1.00 22.31  ? 20  LEU A CD2 1 
ATOM   153 N N   . THR A 1 21 ? -2.927  7.075   -8.629  1.00 24.13  ? 21  THR A N   1 
ATOM   154 C CA  . THR A 1 21 ? -3.191  8.510   -8.491  1.00 36.12  ? 21  THR A CA  1 
ATOM   155 C C   . THR A 1 21 ? -2.047  9.209   -7.741  1.00 42.55  ? 21  THR A C   1 
ATOM   156 O O   . THR A 1 21 ? -1.556  10.249  -8.169  1.00 30.75  ? 21  THR A O   1 
ATOM   157 C CB  . THR A 1 21 ? -4.524  8.738   -7.752  1.00 34.77  ? 21  THR A CB  1 
ATOM   158 O OG1 . THR A 1 21 ? -5.591  8.254   -8.576  1.00 39.53  ? 21  THR A OG1 1 
ATOM   159 C CG2 . THR A 1 21 ? -4.749  10.238  -7.446  1.00 33.38  ? 21  THR A CG2 1 
ATOM   160 N N   . GLN A 1 22 ? -1.611  8.618   -6.631  1.00 27.94  ? 22  GLN A N   1 
ATOM   161 C CA  . GLN A 1 22 ? -0.521  9.166   -5.822  1.00 19.55  ? 22  GLN A CA  1 
ATOM   162 C C   . GLN A 1 22 ? 0.794   9.137   -6.581  1.00 29.71  ? 22  GLN A C   1 
ATOM   163 O O   . GLN A 1 22 ? 1.610   10.046  -6.461  1.00 28.42  ? 22  GLN A O   1 
ATOM   164 C CB  . GLN A 1 22 ? -0.352  8.344   -4.531  1.00 21.44  ? 22  GLN A CB  1 
ATOM   165 C CG  . GLN A 1 22 ? -1.512  8.473   -3.579  1.00 19.82  ? 22  GLN A CG  1 
ATOM   166 C CD  . GLN A 1 22 ? -1.380  9.672   -2.673  1.00 53.53  ? 22  GLN A CD  1 
ATOM   167 O OE1 . GLN A 1 22 ? -0.707  10.642  -3.012  1.00 36.70  ? 22  GLN A OE1 1 
ATOM   168 N NE2 . GLN A 1 22 ? -2.027  9.616   -1.515  1.00 52.83  ? 22  GLN A NE2 1 
ATOM   169 N N   . LEU A 1 23 ? 1.001   8.081   -7.361  1.00 23.60  ? 23  LEU A N   1 
ATOM   170 C CA  . LEU A 1 23 ? 2.229   7.947   -8.127  1.00 31.38  ? 23  LEU A CA  1 
ATOM   171 C C   . LEU A 1 23 ? 2.313   8.975   -9.273  1.00 30.41  ? 23  LEU A C   1 
ATOM   172 O O   . LEU A 1 23 ? 3.371   9.134   -9.890  1.00 35.41  ? 23  LEU A O   1 
ATOM   173 C CB  . LEU A 1 23 ? 2.348   6.510   -8.673  1.00 33.67  ? 23  LEU A CB  1 
ATOM   174 C CG  . LEU A 1 23 ? 3.451   5.525   -8.231  1.00 52.66  ? 23  LEU A CG  1 
ATOM   175 C CD1 . LEU A 1 23 ? 4.367   6.116   -7.183  1.00 40.31  ? 23  LEU A CD1 1 
ATOM   176 C CD2 . LEU A 1 23 ? 2.797   4.256   -7.709  1.00 40.68  ? 23  LEU A CD2 1 
ATOM   177 N N   . THR A 1 24 ? 1.216   9.671   -9.564  1.00 31.38  ? 24  THR A N   1 
ATOM   178 C CA  . THR A 1 24 ? 1.258   10.684  -10.631 1.00 36.60  ? 24  THR A CA  1 
ATOM   179 C C   . THR A 1 24 ? 1.919   11.972  -10.132 1.00 36.43  ? 24  THR A C   1 
ATOM   180 O O   . THR A 1 24 ? 2.474   12.736  -10.925 1.00 36.46  ? 24  THR A O   1 
ATOM   181 C CB  . THR A 1 24 ? -0.149  11.075  -11.157 1.00 39.21  ? 24  THR A CB  1 
ATOM   182 O OG1 . THR A 1 24 ? -0.837  11.847  -10.165 1.00 40.34  ? 24  THR A OG1 1 
ATOM   183 C CG2 . THR A 1 24 ? -0.967  9.830   -11.512 1.00 26.85  ? 24  THR A CG2 1 
ATOM   184 N N   . SER A 1 25 ? 1.866   12.203  -8.821  1.00 29.43  ? 25  SER A N   1 
ATOM   185 C CA  . SER A 1 25 ? 2.453   13.419  -8.219  1.00 23.73  ? 25  SER A CA  1 
ATOM   186 C C   . SER A 1 25 ? 3.641   13.124  -7.308  1.00 35.66  ? 25  SER A C   1 
ATOM   187 O O   . SER A 1 25 ? 4.338   14.038  -6.868  1.00 32.81  ? 25  SER A O   1 
ATOM   188 C CB  . SER A 1 25 ? 1.387   14.164  -7.410  1.00 27.87  ? 25  SER A CB  1 
ATOM   189 O OG  . SER A 1 25 ? 0.278   14.499  -8.230  1.00 44.30  ? 25  SER A OG  1 
ATOM   190 N N   . ASN A 1 26 ? 3.874   11.847  -7.025  1.00 28.09  ? 26  ASN A N   1 
ATOM   191 C CA  . ASN A 1 26 ? 4.970   11.452  -6.147  1.00 26.12  ? 26  ASN A CA  1 
ATOM   192 C C   . ASN A 1 26 ? 5.785   10.316  -6.751  1.00 27.79  ? 26  ASN A C   1 
ATOM   193 O O   . ASN A 1 26 ? 5.269   9.519   -7.527  1.00 30.92  ? 26  ASN A O   1 
ATOM   194 C CB  . ASN A 1 26 ? 4.414   10.978  -4.802  1.00 28.29  ? 26  ASN A CB  1 
ATOM   195 C CG  . ASN A 1 26 ? 3.529   12.009  -4.132  1.00 34.72  ? 26  ASN A CG  1 
ATOM   196 O OD1 . ASN A 1 26 ? 2.303   11.887  -4.122  1.00 35.72  ? 26  ASN A OD1 1 
ATOM   197 N ND2 . ASN A 1 26 ? 4.148   13.028  -3.568  1.00 30.17  ? 26  ASN A ND2 1 
ATOM   198 N N   . ASP A 1 27 ? 7.059   10.247  -6.386  1.00 22.73  ? 27  ASP A N   1 
ATOM   199 C CA  . ASP A 1 27 ? 7.929   9.181   -6.862  1.00 35.01  ? 27  ASP A CA  1 
ATOM   200 C C   . ASP A 1 27 ? 7.916   8.056   -5.824  1.00 26.65  ? 27  ASP A C   1 
ATOM   201 O O   . ASP A 1 27 ? 8.472   6.988   -6.053  1.00 32.97  ? 27  ASP A O   1 
ATOM   202 C CB  . ASP A 1 27 ? 9.359   9.695   -7.081  1.00 31.20  ? 27  ASP A CB  1 
ATOM   203 C CG  . ASP A 1 27 ? 9.579   10.197  -8.508  1.00 43.82  ? 27  ASP A CG  1 
ATOM   204 O OD1 . ASP A 1 27 ? 8.652   10.056  -9.343  1.00 48.92  ? 27  ASP A OD1 1 
ATOM   205 O OD2 . ASP A 1 27 ? 10.676  10.719  -8.797  1.00 54.54  ? 27  ASP A OD2 1 
ATOM   206 N N   . GLU A 1 28 ? 7.279   8.329   -4.688  1.00 25.20  ? 28  GLU A N   1 
ATOM   207 C CA  . GLU A 1 28 ? 7.137   7.354   -3.605  1.00 28.34  ? 28  GLU A CA  1 
ATOM   208 C C   . GLU A 1 28 ? 5.704   7.330   -3.075  1.00 33.34  ? 28  GLU A C   1 
ATOM   209 O O   . GLU A 1 28 ? 5.065   8.376   -2.942  1.00 34.51  ? 28  GLU A O   1 
ATOM   210 C CB  . GLU A 1 28 ? 8.041   7.709   -2.436  1.00 25.22  ? 28  GLU A CB  1 
ATOM   211 C CG  . GLU A 1 28 ? 9.499   7.422   -2.622  1.00 42.41  ? 28  GLU A CG  1 
ATOM   212 C CD  . GLU A 1 28 ? 10.296  7.832   -1.403  1.00 46.16  ? 28  GLU A CD  1 
ATOM   213 O OE1 . GLU A 1 28 ? 9.799   7.623   -0.273  1.00 54.75  ? 28  GLU A OE1 1 
ATOM   214 O OE2 . GLU A 1 28 ? 11.418  8.357   -1.571  1.00 80.08  ? 28  GLU A OE2 1 
ATOM   215 N N   . VAL A 1 29 ? 5.194   6.141   -2.764  1.00 20.12  ? 29  VAL A N   1 
ATOM   216 C CA  . VAL A 1 29 ? 3.854   6.048   -2.192  1.00 14.17  ? 29  VAL A CA  1 
ATOM   217 C C   . VAL A 1 29 ? 3.881   5.078   -1.026  1.00 22.70  ? 29  VAL A C   1 
ATOM   218 O O   . VAL A 1 29 ? 4.525   4.027   -1.102  1.00 26.35  ? 29  VAL A O   1 
ATOM   219 C CB  . VAL A 1 29 ? 2.820   5.608   -3.242  1.00 25.33  ? 29  VAL A CB  1 
ATOM   220 C CG1 . VAL A 1 29 ? 1.435   5.509   -2.608  1.00 25.08  ? 29  VAL A CG1 1 
ATOM   221 C CG2 . VAL A 1 29 ? 2.774   6.642   -4.360  1.00 47.45  ? 29  VAL A CG2 1 
ATOM   222 N N   . ILE A 1 30 ? 3.213   5.449   0.060   1.00 20.94  ? 30  ILE A N   1 
ATOM   223 C CA  . ILE A 1 30 ? 3.161   4.592   1.236   1.00 21.84  ? 30  ILE A CA  1 
ATOM   224 C C   . ILE A 1 30 ? 1.794   3.912   1.370   1.00 27.59  ? 30  ILE A C   1 
ATOM   225 O O   . ILE A 1 30 ? 0.770   4.579   1.507   1.00 25.51  ? 30  ILE A O   1 
ATOM   226 C CB  . ILE A 1 30 ? 3.421   5.381   2.523   1.00 24.92  ? 30  ILE A CB  1 
ATOM   227 C CG1 . ILE A 1 30 ? 4.783   6.090   2.439   1.00 26.00  ? 30  ILE A CG1 1 
ATOM   228 C CG2 . ILE A 1 30 ? 3.401   4.421   3.722   1.00 25.44  ? 30  ILE A CG2 1 
ATOM   229 C CD1 . ILE A 1 30 ? 4.965   7.182   3.502   1.00 23.76  ? 30  ILE A CD1 1 
ATOM   230 N N   . ILE A 1 31 ? 1.805   2.582   1.345   1.00 18.56  ? 31  ILE A N   1 
ATOM   231 C CA  . ILE A 1 31 ? 0.600   1.772   1.485   1.00 20.89  ? 31  ILE A CA  1 
ATOM   232 C C   . ILE A 1 31 ? 0.597   1.243   2.926   1.00 19.25  ? 31  ILE A C   1 
ATOM   233 O O   . ILE A 1 31 ? 1.553   0.615   3.371   1.00 23.61  ? 31  ILE A O   1 
ATOM   234 C CB  . ILE A 1 31 ? 0.621   0.571   0.498   1.00 24.08  ? 31  ILE A CB  1 
ATOM   235 C CG1 . ILE A 1 31 ? 0.716   1.087   -0.946  1.00 24.31  ? 31  ILE A CG1 1 
ATOM   236 C CG2 . ILE A 1 31 ? -0.644  -0.274  0.676   1.00 22.52  ? 31  ILE A CG2 1 
ATOM   237 C CD1 . ILE A 1 31 ? 1.092   0.008   -1.975  1.00 25.55  ? 31  ILE A CD1 1 
ATOM   238 N N   . LYS A 1 32 ? -0.476  1.519   3.643   1.00 18.67  ? 32  LYS A N   1 
ATOM   239 C CA  . LYS A 1 32 ? -0.611  1.101   5.026   1.00 20.72  ? 32  LYS A CA  1 
ATOM   240 C C   . LYS A 1 32 ? -1.886  0.283   5.174   1.00 20.01  ? 32  LYS A C   1 
ATOM   241 O O   . LYS A 1 32 ? -2.885  0.584   4.535   1.00 24.54  ? 32  LYS A O   1 
ATOM   242 C CB  . LYS A 1 32 ? -0.722  2.331   5.932   1.00 20.82  ? 32  LYS A CB  1 
ATOM   243 C CG  . LYS A 1 32 ? 0.476   3.270   5.948   1.00 28.73  ? 32  LYS A CG  1 
ATOM   244 C CD  . LYS A 1 32 ? 0.310   4.291   7.073   1.00 39.17  ? 32  LYS A CD  1 
ATOM   245 C CE  . LYS A 1 32 ? 1.477   5.266   7.144   1.00 56.45  ? 32  LYS A CE  1 
ATOM   246 N NZ  . LYS A 1 32 ? 1.210   6.374   8.111   1.00 42.90  ? 32  LYS A NZ  1 
ATOM   247 N N   . ALA A 1 33 ? -1.855  -0.749  6.019   1.00 24.47  ? 33  ALA A N   1 
ATOM   248 C CA  . ALA A 1 33 ? -3.042  -1.558  6.266   1.00 14.55  ? 33  ALA A CA  1 
ATOM   249 C C   . ALA A 1 33 ? -2.902  -2.250  7.617   1.00 23.91  ? 33  ALA A C   1 
ATOM   250 O O   . ALA A 1 33 ? -1.787  -2.412  8.130   1.00 23.12  ? 33  ALA A O   1 
ATOM   251 C CB  . ALA A 1 33 ? -3.228  -2.614  5.140   1.00 19.58  ? 33  ALA A CB  1 
ATOM   252 N N   . ARG A 1 34 ? -4.040  -2.645  8.187   1.00 22.67  ? 34  ARG A N   1 
ATOM   253 C CA  . ARG A 1 34 ? -4.071  -3.324  9.481   1.00 26.90  ? 34  ARG A CA  1 
ATOM   254 C C   . ARG A 1 34 ? -4.913  -4.594  9.430   1.00 19.86  ? 34  ARG A C   1 
ATOM   255 O O   . ARG A 1 34 ? -5.811  -4.726  8.592   1.00 27.57  ? 34  ARG A O   1 
ATOM   256 C CB  . ARG A 1 34 ? -4.639  -2.384  10.556  1.00 29.04  ? 34  ARG A CB  1 
ATOM   257 C CG  . ARG A 1 34 ? -3.910  -1.054  10.635  1.00 52.03  ? 34  ARG A CG  1 
ATOM   258 C CD  . ARG A 1 34 ? -4.112  -0.367  11.975  1.00 51.31  ? 34  ARG A CD  1 
ATOM   259 N NE  . ARG A 1 34 ? -5.525  -0.218  12.322  1.00 55.29  ? 34  ARG A NE  1 
ATOM   260 C CZ  . ARG A 1 34 ? -5.967  0.371   13.432  1.00 82.55  ? 34  ARG A CZ  1 
ATOM   261 N NH1 . ARG A 1 34 ? -5.107  0.875   14.313  1.00 52.51  ? 34  ARG A NH1 1 
ATOM   262 N NH2 . ARG A 1 34 ? -7.272  0.455   13.667  1.00 64.76  ? 34  ARG A NH2 1 
ATOM   263 N N   . GLY A 1 35 ? -4.621  -5.518  10.342  1.00 30.41  ? 35  GLY A N   1 
ATOM   264 C CA  . GLY A 1 35 ? -5.369  -6.762  10.406  1.00 24.92  ? 35  GLY A CA  1 
ATOM   265 C C   . GLY A 1 35 ? -5.534  -7.526  9.104   1.00 39.09  ? 35  GLY A C   1 
ATOM   266 O O   . GLY A 1 35 ? -4.567  -7.747  8.368   1.00 26.92  ? 35  GLY A O   1 
ATOM   267 N N   . LYS A 1 36 ? -6.771  -7.927  8.816   1.00 30.85  ? 36  LYS A N   1 
ATOM   268 C CA  . LYS A 1 36 ? -7.082  -8.687  7.600   1.00 31.86  ? 36  LYS A CA  1 
ATOM   269 C C   . LYS A 1 36 ? -6.841  -7.922  6.299   1.00 31.31  ? 36  LYS A C   1 
ATOM   270 O O   . LYS A 1 36 ? -6.750  -8.528  5.241   1.00 39.03  ? 36  LYS A O   1 
ATOM   271 C CB  . LYS A 1 36 ? -8.533  -9.200  7.642   1.00 62.46  ? 36  LYS A CB  1 
ATOM   272 C CG  . LYS A 1 36 ? -8.944  -10.003 6.402   1.00 85.90  ? 36  LYS A CG  1 
ATOM   273 C CD  . LYS A 1 36 ? -10.409 -10.455 6.417   1.00 76.92  ? 36  LYS A CD  1 
ATOM   274 C CE  . LYS A 1 36 ? -10.622 -11.767 7.173   1.00 93.84  ? 36  LYS A CE  1 
ATOM   275 N NZ  . LYS A 1 36 ? -10.460 -11.639 8.647   1.00 90.43  ? 36  LYS A NZ  1 
ATOM   276 N N   . ALA A 1 37 ? -6.719  -6.596  6.359   1.00 23.79  ? 37  ALA A N   1 
ATOM   277 C CA  . ALA A 1 37 ? -6.461  -5.815  5.134   1.00 27.91  ? 37  ALA A CA  1 
ATOM   278 C C   . ALA A 1 37 ? -4.990  -5.905  4.708   1.00 20.80  ? 37  ALA A C   1 
ATOM   279 O O   . ALA A 1 37 ? -4.615  -5.491  3.615   1.00 24.30  ? 37  ALA A O   1 
ATOM   280 C CB  . ALA A 1 37 ? -6.852  -4.345  5.333   1.00 24.27  ? 37  ALA A CB  1 
ATOM   281 N N   . ILE A 1 38 ? -4.157  -6.471  5.568   1.00 19.89  ? 38  ILE A N   1 
ATOM   282 C CA  . ILE A 1 38 ? -2.741  -6.622  5.241   1.00 19.04  ? 38  ILE A CA  1 
ATOM   283 C C   . ILE A 1 38 ? -2.548  -7.432  3.969   1.00 22.48  ? 38  ILE A C   1 
ATOM   284 O O   . ILE A 1 38 ? -1.708  -7.098  3.145   1.00 18.86  ? 38  ILE A O   1 
ATOM   285 C CB  . ILE A 1 38 ? -1.980  -7.301  6.415   1.00 21.48  ? 38  ILE A CB  1 
ATOM   286 C CG1 . ILE A 1 38 ? -1.849  -6.296  7.563   1.00 14.39  ? 38  ILE A CG1 1 
ATOM   287 C CG2 . ILE A 1 38 ? -0.617  -7.809  5.966   1.00 23.45  ? 38  ILE A CG2 1 
ATOM   288 C CD1 . ILE A 1 38 ? -1.240  -6.884  8.872   1.00 19.63  ? 38  ILE A CD1 1 
ATOM   289 N N   . ASN A 1 39 ? -3.328  -8.495  3.792   1.00 21.55  ? 39  ASN A N   1 
ATOM   290 C CA  . ASN A 1 39 ? -3.145  -9.298  2.605   1.00 23.77  ? 39  ASN A CA  1 
ATOM   291 C C   . ASN A 1 39 ? -3.584  -8.553  1.354   1.00 23.65  ? 39  ASN A C   1 
ATOM   292 O O   . ASN A 1 39 ? -3.052  -8.803  0.280   1.00 19.86  ? 39  ASN A O   1 
ATOM   293 C CB  . ASN A 1 39 ? -3.866  -10.639 2.713   1.00 34.63  ? 39  ASN A CB  1 
ATOM   294 C CG  . ASN A 1 39 ? -5.334  -10.486 2.936   1.00 45.80  ? 39  ASN A CG  1 
ATOM   295 O OD1 . ASN A 1 39 ? -5.772  -10.234 4.051   1.00 88.41  ? 39  ASN A OD1 1 
ATOM   296 N ND2 . ASN A 1 39 ? -6.113  -10.635 1.871   1.00 101.22 ? 39  ASN A ND2 1 
ATOM   297 N N   . LYS A 1 40 ? -4.537  -7.632  1.508   1.00 23.44  ? 40  LYS A N   1 
ATOM   298 C CA  . LYS A 1 40 ? -5.018  -6.827  0.384   1.00 23.72  ? 40  LYS A CA  1 
ATOM   299 C C   . LYS A 1 40 ? -3.939  -5.781  0.055   1.00 17.50  ? 40  LYS A C   1 
ATOM   300 O O   . LYS A 1 40 ? -3.727  -5.438  -1.109  1.00 21.34  ? 40  LYS A O   1 
ATOM   301 C CB  . LYS A 1 40 ? -6.340  -6.156  0.755   1.00 22.95  ? 40  LYS A CB  1 
ATOM   302 C CG  . LYS A 1 40 ? -6.966  -5.339  -0.362  1.00 26.38  ? 40  LYS A CG  1 
ATOM   303 C CD  . LYS A 1 40 ? -8.256  -4.658  0.115   1.00 32.37  ? 40  LYS A CD  1 
ATOM   304 C CE  . LYS A 1 40 ? -9.410  -5.655  0.284   1.00 30.93  ? 40  LYS A CE  1 
ATOM   305 N NZ  . LYS A 1 40 ? -10.659 -4.946  0.729   1.00 23.69  ? 40  LYS A NZ  1 
ATOM   306 N N   . ALA A 1 41 ? -3.240  -5.283  1.081   1.00 24.42  ? 41  ALA A N   1 
ATOM   307 C CA  . ALA A 1 41 ? -2.165  -4.300  0.848   1.00 28.57  ? 41  ALA A CA  1 
ATOM   308 C C   . ALA A 1 41 ? -1.069  -4.954  0.018   1.00 23.01  ? 41  ALA A C   1 
ATOM   309 O O   . ALA A 1 41 ? -0.509  -4.335  -0.892  1.00 21.30  ? 41  ALA A O   1 
ATOM   310 C CB  . ALA A 1 41 ? -1.574  -3.781  2.186   1.00 19.64  ? 41  ALA A CB  1 
ATOM   311 N N   . VAL A 1 42 ? -0.763  -6.214  0.315   1.00 24.07  ? 42  VAL A N   1 
ATOM   312 C CA  . VAL A 1 42 ? 0.257   -6.892  -0.463  1.00 18.00  ? 42  VAL A CA  1 
ATOM   313 C C   . VAL A 1 42 ? -0.262  -7.127  -1.892  1.00 21.64  ? 42  VAL A C   1 
ATOM   314 O O   . VAL A 1 42 ? 0.481   -6.952  -2.855  1.00 23.69  ? 42  VAL A O   1 
ATOM   315 C CB  . VAL A 1 42 ? 0.699   -8.224  0.192   1.00 22.56  ? 42  VAL A CB  1 
ATOM   316 C CG1 . VAL A 1 42 ? 1.684   -8.958  -0.709  1.00 22.15  ? 42  VAL A CG1 1 
ATOM   317 C CG2 . VAL A 1 42 ? 1.380   -7.925  1.534   1.00 14.36  ? 42  VAL A CG2 1 
ATOM   318 N N   . ASP A 1 43 ? -1.530  -7.522  -2.029  1.00 22.62  ? 43  ASP A N   1 
ATOM   319 C CA  . ASP A 1 43 ? -2.120  -7.715  -3.359  1.00 20.05  ? 43  ASP A CA  1 
ATOM   320 C C   . ASP A 1 43 ? -2.001  -6.440  -4.179  1.00 21.34  ? 43  ASP A C   1 
ATOM   321 O O   . ASP A 1 43 ? -1.664  -6.472  -5.363  1.00 25.19  ? 43  ASP A O   1 
ATOM   322 C CB  . ASP A 1 43 ? -3.616  -8.043  -3.267  1.00 17.22  ? 43  ASP A CB  1 
ATOM   323 C CG  . ASP A 1 43 ? -3.863  -9.461  -2.857  1.00 32.27  ? 43  ASP A CG  1 
ATOM   324 O OD1 . ASP A 1 43 ? -2.923  -10.285 -3.018  1.00 26.92  ? 43  ASP A OD1 1 
ATOM   325 O OD2 . ASP A 1 43 ? -4.988  -9.744  -2.388  1.00 39.60  ? 43  ASP A OD2 1 
ATOM   326 N N   . VAL A 1 44 ? -2.305  -5.316  -3.545  1.00 20.16  ? 44  VAL A N   1 
ATOM   327 C CA  . VAL A 1 44 ? -2.233  -4.045  -4.252  1.00 28.47  ? 44  VAL A CA  1 
ATOM   328 C C   . VAL A 1 44 ? -0.815  -3.740  -4.707  1.00 37.05  ? 44  VAL A C   1 
ATOM   329 O O   . VAL A 1 44 ? -0.585  -3.405  -5.878  1.00 24.62  ? 44  VAL A O   1 
ATOM   330 C CB  . VAL A 1 44 ? -2.749  -2.886  -3.369  1.00 37.15  ? 44  VAL A CB  1 
ATOM   331 C CG1 . VAL A 1 44 ? -2.476  -1.549  -4.049  1.00 30.03  ? 44  VAL A CG1 1 
ATOM   332 C CG2 . VAL A 1 44 ? -4.232  -3.067  -3.112  1.00 27.94  ? 44  VAL A CG2 1 
ATOM   333 N N   . ALA A 1 45 ? 0.148   -3.878  -3.799  1.00 21.85  ? 45  ALA A N   1 
ATOM   334 C CA  . ALA A 1 45 ? 1.539   -3.586  -4.160  1.00 27.92  ? 45  ALA A CA  1 
ATOM   335 C C   . ALA A 1 45 ? 2.031   -4.530  -5.239  1.00 25.82  ? 45  ALA A C   1 
ATOM   336 O O   . ALA A 1 45 ? 2.767   -4.111  -6.148  1.00 25.66  ? 45  ALA A O   1 
ATOM   337 C CB  . ALA A 1 45 ? 2.453   -3.676  -2.937  1.00 21.38  ? 45  ALA A CB  1 
ATOM   338 N N   . GLU A 1 46 ? 1.639   -5.802  -5.154  1.00 17.57  ? 46  GLU A N   1 
ATOM   339 C CA  . GLU A 1 46 ? 2.091   -6.774  -6.170  1.00 25.87  ? 46  GLU A CA  1 
ATOM   340 C C   . GLU A 1 46 ? 1.481   -6.476  -7.544  1.00 41.13  ? 46  GLU A C   1 
ATOM   341 O O   . GLU A 1 46 ? 2.127   -6.639  -8.589  1.00 28.33  ? 46  GLU A O   1 
ATOM   342 C CB  . GLU A 1 46 ? 1.767   -8.209  -5.731  1.00 23.46  ? 46  GLU A CB  1 
ATOM   343 C CG  . GLU A 1 46 ? 2.767   -8.735  -4.683  1.00 22.88  ? 46  GLU A CG  1 
ATOM   344 C CD  . GLU A 1 46 ? 4.190   -8.811  -5.252  1.00 41.12  ? 46  GLU A CD  1 
ATOM   345 O OE1 . GLU A 1 46 ? 4.410   -9.539  -6.256  1.00 45.66  ? 46  GLU A OE1 1 
ATOM   346 O OE2 . GLU A 1 46 ? 5.084   -8.131  -4.705  1.00 43.58  ? 46  GLU A OE2 1 
ATOM   347 N N   . MET A 1 47 ? 0.236   -6.030  -7.543  1.00 24.37  ? 47  MET A N   1 
ATOM   348 C CA  . MET A 1 47 ? -0.409  -5.694  -8.809  1.00 30.16  ? 47  MET A CA  1 
ATOM   349 C C   . MET A 1 47 ? 0.301   -4.527  -9.500  1.00 28.74  ? 47  MET A C   1 
ATOM   350 O O   . MET A 1 47 ? 0.555   -4.570  -10.699 1.00 31.40  ? 47  MET A O   1 
ATOM   351 C CB  . MET A 1 47 ? -1.863  -5.338  -8.571  1.00 28.78  ? 47  MET A CB  1 
ATOM   352 C CG  . MET A 1 47 ? -2.733  -6.535  -8.244  1.00 39.98  ? 47  MET A CG  1 
ATOM   353 S SD  . MET A 1 47 ? -4.457  -6.116  -8.483  1.00 61.88  ? 47  MET A SD  1 
ATOM   354 C CE  . MET A 1 47 ? -4.365  -5.384  -10.129 1.00 35.92  ? 47  MET A CE  1 
ATOM   355 N N   . ILE A 1 48 ? 0.632   -3.487  -8.738  1.00 25.31  ? 48  ILE A N   1 
ATOM   356 C CA  . ILE A 1 48 ? 1.313   -2.316  -9.299  1.00 18.57  ? 48  ILE A CA  1 
ATOM   357 C C   . ILE A 1 48 ? 2.623   -2.775  -9.945  1.00 53.44  ? 48  ILE A C   1 
ATOM   358 O O   . ILE A 1 48 ? 2.939   -2.437  -11.088 1.00 29.77  ? 48  ILE A O   1 
ATOM   359 C CB  . ILE A 1 48 ? 1.616   -1.288  -8.198  1.00 25.26  ? 48  ILE A CB  1 
ATOM   360 C CG1 . ILE A 1 48 ? 0.304   -0.769  -7.592  1.00 24.47  ? 48  ILE A CG1 1 
ATOM   361 C CG2 . ILE A 1 48 ? 2.468   -0.173  -8.757  1.00 30.43  ? 48  ILE A CG2 1 
ATOM   362 C CD1 . ILE A 1 48 ? -0.490  0.135   -8.501  1.00 31.25  ? 48  ILE A CD1 1 
ATOM   363 N N   . ARG A 1 49 ? 3.364   -3.573  -9.192  1.00 34.40  ? 49  ARG A N   1 
ATOM   364 C CA  . ARG A 1 49 ? 4.650   -4.118  -9.599  1.00 31.46  ? 49  ARG A CA  1 
ATOM   365 C C   . ARG A 1 49 ? 4.547   -5.085  -10.783 1.00 36.09  ? 49  ARG A C   1 
ATOM   366 O O   . ARG A 1 49 ? 5.361   -5.059  -11.707 1.00 34.25  ? 49  ARG A O   1 
ATOM   367 C CB  . ARG A 1 49 ? 5.241   -4.837  -8.385  1.00 46.03  ? 49  ARG A CB  1 
ATOM   368 C CG  . ARG A 1 49 ? 6.614   -5.432  -8.524  1.00 52.53  ? 49  ARG A CG  1 
ATOM   369 C CD  . ARG A 1 49 ? 6.837   -6.324  -7.300  1.00 55.62  ? 49  ARG A CD  1 
ATOM   370 N NE  . ARG A 1 49 ? 8.236   -6.438  -6.922  1.00 61.58  ? 49  ARG A NE  1 
ATOM   371 C CZ  . ARG A 1 49 ? 8.663   -7.100  -5.851  1.00 46.54  ? 49  ARG A CZ  1 
ATOM   372 N NH1 . ARG A 1 49 ? 7.792   -7.709  -5.057  1.00 51.05  ? 49  ARG A NH1 1 
ATOM   373 N NH2 . ARG A 1 49 ? 9.957   -7.152  -5.572  1.00 76.01  ? 49  ARG A NH2 1 
ATOM   374 N N   . ASN A 1 50 ? 3.534   -5.938  -10.756 1.00 31.22  ? 50  ASN A N   1 
ATOM   375 C CA  . ASN A 1 50 ? 3.367   -6.929  -11.813 1.00 31.93  ? 50  ASN A CA  1 
ATOM   376 C C   . ASN A 1 50 ? 2.749   -6.418  -13.095 1.00 49.54  ? 50  ASN A C   1 
ATOM   377 O O   . ASN A 1 50 ? 3.174   -6.821  -14.173 1.00 41.66  ? 50  ASN A O   1 
ATOM   378 C CB  . ASN A 1 50 ? 2.488   -8.091  -11.334 1.00 41.59  ? 50  ASN A CB  1 
ATOM   379 C CG  . ASN A 1 50 ? 3.151   -8.940  -10.270 1.00 37.29  ? 50  ASN A CG  1 
ATOM   380 O OD1 . ASN A 1 50 ? 2.484   -9.742  -9.605  1.00 33.96  ? 50  ASN A OD1 1 
ATOM   381 N ND2 . ASN A 1 50 ? 4.462   -8.779  -10.105 1.00 33.70  ? 50  ASN A ND2 1 
ATOM   382 N N   . ARG A 1 51 ? 1.760   -5.534  -12.982 1.00 36.76  ? 51  ARG A N   1 
ATOM   383 C CA  . ARG A 1 51 ? 1.027   -5.072  -14.154 1.00 45.88  ? 51  ARG A CA  1 
ATOM   384 C C   . ARG A 1 51 ? 1.015   -3.610  -14.585 1.00 59.45  ? 51  ARG A C   1 
ATOM   385 O O   . ARG A 1 51 ? 0.654   -3.322  -15.727 1.00 50.01  ? 51  ARG A O   1 
ATOM   386 C CB  . ARG A 1 51 ? -0.420  -5.527  -14.002 1.00 29.74  ? 51  ARG A CB  1 
ATOM   387 C CG  . ARG A 1 51 ? -0.548  -7.021  -13.813 1.00 63.76  ? 51  ARG A CG  1 
ATOM   388 C CD  . ARG A 1 51 ? -1.794  -7.388  -13.036 1.00 61.64  ? 51  ARG A CD  1 
ATOM   389 N NE  . ARG A 1 51 ? -1.717  -8.758  -12.530 1.00 101.51 ? 51  ARG A NE  1 
ATOM   390 C CZ  . ARG A 1 51 ? -2.451  -9.230  -11.526 1.00 109.67 ? 51  ARG A CZ  1 
ATOM   391 N NH1 . ARG A 1 51 ? -3.323  -8.441  -10.911 1.00 107.82 ? 51  ARG A NH1 1 
ATOM   392 N NH2 . ARG A 1 51 ? -2.307  -10.488 -11.127 1.00 97.75  ? 51  ARG A NH2 1 
ATOM   393 N N   . PHE A 1 52 ? 1.407   -2.686  -13.715 1.00 40.39  ? 52  PHE A N   1 
ATOM   394 C CA  . PHE A 1 52 ? 1.320   -1.286  -14.086 1.00 32.68  ? 52  PHE A CA  1 
ATOM   395 C C   . PHE A 1 52 ? 2.605   -0.513  -14.201 1.00 43.54  ? 52  PHE A C   1 
ATOM   396 O O   . PHE A 1 52 ? 2.825   0.177   -15.186 1.00 38.83  ? 52  PHE A O   1 
ATOM   397 C CB  . PHE A 1 52 ? 0.371   -0.572  -13.128 1.00 31.68  ? 52  PHE A CB  1 
ATOM   398 C CG  . PHE A 1 52 ? -1.012  -1.150  -13.120 1.00 31.81  ? 52  PHE A CG  1 
ATOM   399 C CD1 . PHE A 1 52 ? -1.347  -2.179  -12.245 1.00 32.59  ? 52  PHE A CD1 1 
ATOM   400 C CD2 . PHE A 1 52 ? -1.985  -0.673  -13.990 1.00 53.26  ? 52  PHE A CD2 1 
ATOM   401 C CE1 . PHE A 1 52 ? -2.627  -2.723  -12.237 1.00 26.39  ? 52  PHE A CE1 1 
ATOM   402 C CE2 . PHE A 1 52 ? -3.274  -1.213  -13.987 1.00 42.70  ? 52  PHE A CE2 1 
ATOM   403 C CZ  . PHE A 1 52 ? -3.593  -2.238  -13.108 1.00 38.21  ? 52  PHE A CZ  1 
ATOM   404 N N   . ILE A 1 53 ? 3.446   -0.613  -13.187 1.00 38.21  ? 53  ILE A N   1 
ATOM   405 C CA  . ILE A 1 53 ? 4.722   0.083   -13.192 1.00 39.50  ? 53  ILE A CA  1 
ATOM   406 C C   . ILE A 1 53 ? 5.734   -0.993  -12.866 1.00 49.51  ? 53  ILE A C   1 
ATOM   407 O O   . ILE A 1 53 ? 6.233   -1.080  -11.746 1.00 56.12  ? 53  ILE A O   1 
ATOM   408 C CB  . ILE A 1 53 ? 4.774   1.166   -12.112 1.00 32.59  ? 53  ILE A CB  1 
ATOM   409 C CG1 . ILE A 1 53 ? 3.467   1.966   -12.119 1.00 36.74  ? 53  ILE A CG1 1 
ATOM   410 C CG2 . ILE A 1 53 ? 5.965   2.082   -12.360 1.00 40.50  ? 53  ILE A CG2 1 
ATOM   411 C CD1 . ILE A 1 53 ? 3.354   2.986   -10.992 1.00 58.50  ? 53  ILE A CD1 1 
ATOM   412 N N   . LYS A 1 54 ? 6.020   -1.824  -13.859 1.00 65.92  ? 54  LYS A N   1 
ATOM   413 C CA  . LYS A 1 54 ? 6.945   -2.934  -13.697 1.00 48.53  ? 54  LYS A CA  1 
ATOM   414 C C   . LYS A 1 54 ? 8.324   -2.576  -13.149 1.00 63.18  ? 54  LYS A C   1 
ATOM   415 O O   . LYS A 1 54 ? 8.993   -3.426  -12.555 1.00 66.73  ? 54  LYS A O   1 
ATOM   416 C CB  . LYS A 1 54 ? 7.076   -3.676  -15.027 1.00 60.21  ? 54  LYS A CB  1 
ATOM   417 C CG  . LYS A 1 54 ? 5.742   -4.196  -15.540 1.00 43.93  ? 54  LYS A CG  1 
ATOM   418 C CD  . LYS A 1 54 ? 5.921   -5.058  -16.779 1.00 46.80  ? 54  LYS A CD  1 
ATOM   419 C CE  . LYS A 1 54 ? 4.579   -5.526  -17.304 1.00 57.62  ? 54  LYS A CE  1 
ATOM   420 N NZ  . LYS A 1 54 ? 4.724   -6.435  -18.474 1.00 60.29  ? 54  LYS A NZ  1 
ATOM   421 N N   . ASP A 1 55 ? 8.745   -1.325  -13.337 1.00 42.70  ? 55  ASP A N   1 
ATOM   422 C CA  . ASP A 1 55 ? 10.055  -0.881  -12.852 1.00 63.03  ? 55  ASP A CA  1 
ATOM   423 C C   . ASP A 1 55 ? 10.004  -0.440  -11.388 1.00 49.32  ? 55  ASP A C   1 
ATOM   424 O O   . ASP A 1 55 ? 11.033  -0.139  -10.784 1.00 44.77  ? 55  ASP A O   1 
ATOM   425 C CB  . ASP A 1 55 ? 10.552  0.295   -13.685 1.00 70.88  ? 55  ASP A CB  1 
ATOM   426 C CG  . ASP A 1 55 ? 9.646   1.497   -13.564 1.00 84.94  ? 55  ASP A CG  1 
ATOM   427 O OD1 . ASP A 1 55 ? 8.529   1.449   -14.118 1.00 98.11  ? 55  ASP A OD1 1 
ATOM   428 O OD2 . ASP A 1 55 ? 10.041  2.480   -12.900 1.00 110.40 ? 55  ASP A OD2 1 
ATOM   429 N N   . ILE A 1 56 ? 8.802   -0.393  -10.828 1.00 38.80  ? 56  ILE A N   1 
ATOM   430 C CA  . ILE A 1 56 ? 8.604   0.026   -9.445  1.00 39.22  ? 56  ILE A CA  1 
ATOM   431 C C   . ILE A 1 56 ? 9.464   -0.798  -8.481  1.00 35.16  ? 56  ILE A C   1 
ATOM   432 O O   . ILE A 1 56 ? 9.601   -2.003  -8.654  1.00 43.27  ? 56  ILE A O   1 
ATOM   433 C CB  . ILE A 1 56 ? 7.093   -0.105  -9.046  1.00 40.12  ? 56  ILE A CB  1 
ATOM   434 C CG1 . ILE A 1 56 ? 6.797   0.772   -7.830  1.00 41.30  ? 56  ILE A CG1 1 
ATOM   435 C CG2 . ILE A 1 56 ? 6.734   -1.555  -8.760  1.00 42.94  ? 56  ILE A CG2 1 
ATOM   436 C CD1 . ILE A 1 56 ? 6.638   2.220   -8.192  1.00 35.66  ? 56  ILE A CD1 1 
ATOM   437 N N   . LYS A 1 57 ? 10.048  -0.142  -7.476  1.00 25.71  ? 57  LYS A N   1 
ATOM   438 C CA  . LYS A 1 57 ? 10.875  -0.827  -6.495  1.00 42.53  ? 57  LYS A CA  1 
ATOM   439 C C   . LYS A 1 57 ? 10.215  -0.748  -5.124  1.00 56.96  ? 57  LYS A C   1 
ATOM   440 O O   . LYS A 1 57 ? 9.496   0.208   -4.826  1.00 26.74  ? 57  LYS A O   1 
ATOM   441 C CB  . LYS A 1 57 ? 12.267  -0.192  -6.403  1.00 46.15  ? 57  LYS A CB  1 
ATOM   442 C CG  . LYS A 1 57 ? 13.039  -0.120  -7.716  1.00 53.17  ? 57  LYS A CG  1 
ATOM   443 C CD  . LYS A 1 57 ? 12.538  1.018   -8.600  1.00 84.22  ? 57  LYS A CD  1 
ATOM   444 C CE  . LYS A 1 57 ? 13.337  1.125   -9.899  1.00 77.22  ? 57  LYS A CE  1 
ATOM   445 N NZ  . LYS A 1 57 ? 14.784  1.387   -9.664  1.00 90.72  ? 57  LYS A NZ  1 
ATOM   446 N N   . ILE A 1 58 ? 10.448  -1.762  -4.296  1.00 36.16  ? 58  ILE A N   1 
ATOM   447 C CA  . ILE A 1 58 ? 9.898   -1.778  -2.946  1.00 33.98  ? 58  ILE A CA  1 
ATOM   448 C C   . ILE A 1 58 ? 10.998  -1.226  -2.055  1.00 46.07  ? 58  ILE A C   1 
ATOM   449 O O   . ILE A 1 58 ? 11.931  -1.939  -1.699  1.00 48.09  ? 58  ILE A O   1 
ATOM   450 C CB  . ILE A 1 58 ? 9.545   -3.206  -2.494  1.00 36.85  ? 58  ILE A CB  1 
ATOM   451 C CG1 . ILE A 1 58 ? 8.511   -3.814  -3.446  1.00 33.04  ? 58  ILE A CG1 1 
ATOM   452 C CG2 . ILE A 1 58 ? 9.015   -3.173  -1.063  1.00 37.09  ? 58  ILE A CG2 1 
ATOM   453 C CD1 . ILE A 1 58 ? 8.142   -5.225  -3.114  1.00 59.10  ? 58  ILE A CD1 1 
ATOM   454 N N   . LYS A 1 59 ? 10.881  0.048   -1.701  1.00 31.03  ? 59  LYS A N   1 
ATOM   455 C CA  . LYS A 1 59 ? 11.878  0.734   -0.887  1.00 39.76  ? 59  LYS A CA  1 
ATOM   456 C C   . LYS A 1 59 ? 11.918  0.315   0.586   1.00 49.39  ? 59  LYS A C   1 
ATOM   457 O O   . LYS A 1 59 ? 12.971  0.336   1.232   1.00 29.55  ? 59  LYS A O   1 
ATOM   458 C CB  . LYS A 1 59 ? 11.632  2.235   -0.996  1.00 30.76  ? 59  LYS A CB  1 
ATOM   459 C CG  . LYS A 1 59 ? 12.615  3.120   -0.248  1.00 65.61  ? 59  LYS A CG  1 
ATOM   460 C CD  . LYS A 1 59 ? 12.180  4.579   -0.323  1.00 55.80  ? 59  LYS A CD  1 
ATOM   461 C CE  . LYS A 1 59 ? 13.056  5.460   0.553   1.00 72.53  ? 59  LYS A CE  1 
ATOM   462 N NZ  . LYS A 1 59 ? 12.430  6.791   0.789   1.00 65.58  ? 59  LYS A NZ  1 
ATOM   463 N N   . LYS A 1 60 ? 10.774  -0.070  1.126   1.00 28.65  ? 60  LYS A N   1 
ATOM   464 C CA  . LYS A 1 60 ? 10.736  -0.460  2.517   1.00 29.82  ? 60  LYS A CA  1 
ATOM   465 C C   . LYS A 1 60 ? 9.444   -1.182  2.846   1.00 35.19  ? 60  LYS A C   1 
ATOM   466 O O   . LYS A 1 60 ? 8.402   -0.923  2.239   1.00 29.10  ? 60  LYS A O   1 
ATOM   467 C CB  . LYS A 1 60 ? 10.854  0.780   3.405   1.00 26.59  ? 60  LYS A CB  1 
ATOM   468 C CG  . LYS A 1 60 ? 10.884  0.483   4.908   1.00 39.55  ? 60  LYS A CG  1 
ATOM   469 C CD  . LYS A 1 60 ? 11.333  1.691   5.746   1.00 56.22  ? 60  LYS A CD  1 
ATOM   470 C CE  . LYS A 1 60 ? 10.210  2.305   6.571   1.00 61.14  ? 60  LYS A CE  1 
ATOM   471 N NZ  . LYS A 1 60 ? 9.376   3.256   5.789   1.00 76.04  ? 60  LYS A NZ  1 
ATOM   472 N N   . ILE A 1 61 ? 9.540   -2.113  3.789   1.00 31.69  ? 61  ILE A N   1 
ATOM   473 C CA  . ILE A 1 61 ? 8.391   -2.864  4.290   1.00 20.67  ? 61  ILE A CA  1 
ATOM   474 C C   . ILE A 1 61 ? 8.601   -2.943  5.772   1.00 25.59  ? 61  ILE A C   1 
ATOM   475 O O   . ILE A 1 61 ? 9.665   -3.329  6.232   1.00 32.41  ? 61  ILE A O   1 
ATOM   476 C CB  . ILE A 1 61 ? 8.301   -4.305  3.756   1.00 24.56  ? 61  ILE A CB  1 
ATOM   477 C CG1 . ILE A 1 61 ? 8.111   -4.299  2.244   1.00 21.85  ? 61  ILE A CG1 1 
ATOM   478 C CG2 . ILE A 1 61 ? 7.086   -5.007  4.380   1.00 29.33  ? 61  ILE A CG2 1 
ATOM   479 C CD1 . ILE A 1 61 ? 8.025   -5.669  1.668   1.00 22.61  ? 61  ILE A CD1 1 
ATOM   480 N N   . GLU A 1 62 ? 7.584   -2.565  6.523   1.00 23.90  ? 62  GLU A N   1 
ATOM   481 C CA  . GLU A 1 62 ? 7.692   -2.590  7.959   1.00 29.64  ? 62  GLU A CA  1 
ATOM   482 C C   . GLU A 1 62 ? 6.406   -3.137  8.556   1.00 32.12  ? 62  GLU A C   1 
ATOM   483 O O   . GLU A 1 62 ? 5.322   -2.820  8.074   1.00 25.52  ? 62  GLU A O   1 
ATOM   484 C CB  . GLU A 1 62 ? 7.952   -1.165  8.450   1.00 30.03  ? 62  GLU A CB  1 
ATOM   485 C CG  . GLU A 1 62 ? 8.069   -1.018  9.946   1.00 47.60  ? 62  GLU A CG  1 
ATOM   486 C CD  . GLU A 1 62 ? 8.409   0.403   10.334  1.00 76.14  ? 62  GLU A CD  1 
ATOM   487 O OE1 . GLU A 1 62 ? 9.401   0.940   9.794   1.00 56.08  ? 62  GLU A OE1 1 
ATOM   488 O OE2 . GLU A 1 62 ? 7.687   0.980   11.176  1.00 107.03 ? 62  GLU A OE2 1 
ATOM   489 N N   . ILE A 1 63 ? 6.515   -3.999  9.564   1.00 25.66  ? 63  ILE A N   1 
ATOM   490 C CA  . ILE A 1 63 ? 5.311   -4.512  10.218  1.00 26.44  ? 63  ILE A CA  1 
ATOM   491 C C   . ILE A 1 63 ? 5.325   -4.052  11.666  1.00 21.44  ? 63  ILE A C   1 
ATOM   492 O O   . ILE A 1 63 ? 6.382   -3.740  12.219  1.00 31.54  ? 63  ILE A O   1 
ATOM   493 C CB  . ILE A 1 63 ? 5.202   -6.064  10.202  1.00 19.10  ? 63  ILE A CB  1 
ATOM   494 C CG1 . ILE A 1 63 ? 6.441   -6.676  10.860  1.00 31.64  ? 63  ILE A CG1 1 
ATOM   495 C CG2 . ILE A 1 63 ? 4.955   -6.562  8.782   1.00 19.35  ? 63  ILE A CG2 1 
ATOM   496 C CD1 . ILE A 1 63 ? 6.449   -8.189  10.864  1.00 29.71  ? 63  ILE A CD1 1 
ATOM   497 N N   . GLY A 1 64 ? 4.150   -4.010  12.272  1.00 24.98  ? 64  GLY A N   1 
ATOM   498 C CA  . GLY A 1 64 ? 4.049   -3.583  13.654  1.00 32.46  ? 64  GLY A CA  1 
ATOM   499 C C   . GLY A 1 64 ? 2.703   -3.956  14.234  1.00 28.00  ? 64  GLY A C   1 
ATOM   500 O O   . GLY A 1 64 ? 1.997   -4.794  13.669  1.00 27.79  ? 64  GLY A O   1 
ATOM   501 N N   . THR A 1 65 ? 2.360   -3.340  15.367  1.00 25.65  ? 65  THR A N   1 
ATOM   502 C CA  . THR A 1 65 ? 1.100   -3.567  16.065  1.00 30.59  ? 65  THR A CA  1 
ATOM   503 C C   . THR A 1 65 ? 0.444   -2.238  16.494  1.00 26.64  ? 65  THR A C   1 
ATOM   504 O O   . THR A 1 65 ? 1.125   -1.376  17.035  1.00 33.79  ? 65  THR A O   1 
ATOM   505 C CB  . THR A 1 65 ? 1.337   -4.431  17.340  1.00 36.55  ? 65  THR A CB  1 
ATOM   506 O OG1 . THR A 1 65 ? 1.823   -5.728  16.970  1.00 38.55  ? 65  THR A OG1 1 
ATOM   507 C CG2 . THR A 1 65 ? 0.057   -4.585  18.122  1.00 29.69  ? 65  THR A CG2 1 
ATOM   508 N N   . ASP A 1 66 ? -0.860  -2.087  16.251  1.00 50.67  ? 66  ASP A N   1 
ATOM   509 C CA  . ASP A 1 66 ? -1.628  -0.883  16.629  1.00 44.76  ? 66  ASP A CA  1 
ATOM   510 C C   . ASP A 1 66 ? -2.662  -1.226  17.692  1.00 60.42  ? 66  ASP A C   1 
ATOM   511 O O   . ASP A 1 66 ? -2.756  -2.372  18.122  1.00 44.98  ? 66  ASP A O   1 
ATOM   512 C CB  . ASP A 1 66 ? -2.390  -0.294  15.433  1.00 53.03  ? 66  ASP A CB  1 
ATOM   513 C CG  . ASP A 1 66 ? -1.548  0.642   14.591  1.00 48.76  ? 66  ASP A CG  1 
ATOM   514 O OD1 . ASP A 1 66 ? -0.371  0.880   14.939  1.00 40.62  ? 66  ASP A OD1 1 
ATOM   515 O OD2 . ASP A 1 66 ? -2.075  1.144   13.571  1.00 60.40  ? 66  ASP A OD2 1 
ATOM   516 N N   . LYS A 1 67 ? -3.453  -0.225  18.084  1.00 74.32  ? 67  LYS A N   1 
ATOM   517 C CA  . LYS A 1 67 ? -4.500  -0.381  19.101  1.00 51.41  ? 67  LYS A CA  1 
ATOM   518 C C   . LYS A 1 67 ? -5.723  0.465   18.784  1.00 63.37  ? 67  LYS A C   1 
ATOM   519 O O   . LYS A 1 67 ? -6.633  0.013   18.090  1.00 80.87  ? 67  LYS A O   1 
ATOM   520 C CB  . LYS A 1 67 ? -3.947  0.000   20.479  1.00 42.74  ? 67  LYS A CB  1 
ATOM   521 C CG  . LYS A 1 67 ? -2.777  -0.873  20.853  1.00 34.49  ? 67  LYS A CG  1 
ATOM   522 C CD  . LYS A 1 67 ? -2.081  -0.447  22.110  1.00 57.41  ? 67  LYS A CD  1 
ATOM   523 C CE  . LYS A 1 67 ? -0.932  -1.403  22.399  1.00 63.33  ? 67  LYS A CE  1 
ATOM   524 N NZ  . LYS A 1 67 ? -0.015  -1.552  21.231  1.00 76.25  ? 67  LYS A NZ  1 
ATOM   525 N N   . GLU A 1 75 ? -8.481  -1.705  23.456  1.00 78.82  ? 75  GLU A N   1 
ATOM   526 C CA  . GLU A 1 75 ? -7.871  -2.667  24.365  1.00 83.03  ? 75  GLU A CA  1 
ATOM   527 C C   . GLU A 1 75 ? -7.412  -3.916  23.612  1.00 76.37  ? 75  GLU A C   1 
ATOM   528 O O   . GLU A 1 75 ? -7.155  -4.959  24.219  1.00 73.81  ? 75  GLU A O   1 
ATOM   529 C CB  . GLU A 1 75 ? -8.866  -3.053  25.463  1.00 70.24  ? 75  GLU A CB  1 
ATOM   530 N N   . VAL A 1 76 ? -7.301  -3.807  22.292  1.00 72.94  ? 76  VAL A N   1 
ATOM   531 C CA  . VAL A 1 76 ? -6.885  -4.946  21.481  1.00 71.81  ? 76  VAL A CA  1 
ATOM   532 C C   . VAL A 1 76 ? -5.760  -4.608  20.508  1.00 54.02  ? 76  VAL A C   1 
ATOM   533 O O   . VAL A 1 76 ? -5.732  -3.527  19.925  1.00 55.72  ? 76  VAL A O   1 
ATOM   534 C CB  . VAL A 1 76 ? -8.068  -5.512  20.652  1.00 60.65  ? 76  VAL A CB  1 
ATOM   535 C CG1 . VAL A 1 76 ? -7.726  -6.906  20.145  1.00 64.53  ? 76  VAL A CG1 1 
ATOM   536 C CG2 . VAL A 1 76 ? -9.333  -5.546  21.493  1.00 71.31  ? 76  VAL A CG2 1 
ATOM   537 N N   . ASN A 1 77 ? -4.836  -5.548  20.341  1.00 43.04  ? 77  ASN A N   1 
ATOM   538 C CA  . ASN A 1 77 ? -3.726  -5.380  19.420  1.00 54.20  ? 77  ASN A CA  1 
ATOM   539 C C   . ASN A 1 77 ? -4.140  -5.770  18.006  1.00 55.63  ? 77  ASN A C   1 
ATOM   540 O O   . ASN A 1 77 ? -4.964  -6.671  17.799  1.00 36.54  ? 77  ASN A O   1 
ATOM   541 C CB  . ASN A 1 77 ? -2.538  -6.248  19.837  1.00 37.42  ? 77  ASN A CB  1 
ATOM   542 C CG  . ASN A 1 77 ? -1.955  -5.841  21.172  1.00 47.54  ? 77  ASN A CG  1 
ATOM   543 O OD1 . ASN A 1 77 ? -1.890  -4.655  21.501  1.00 62.59  ? 77  ASN A OD1 1 
ATOM   544 N ND2 . ASN A 1 77 ? -1.506  -6.824  21.942  1.00 71.13  ? 77  ASN A ND2 1 
ATOM   545 N N   . VAL A 1 78 ? -3.576  -5.081  17.026  1.00 40.09  ? 78  VAL A N   1 
ATOM   546 C CA  . VAL A 1 78 ? -3.875  -5.395  15.639  1.00 31.99  ? 78  VAL A CA  1 
ATOM   547 C C   . VAL A 1 78 ? -2.587  -5.209  14.857  1.00 29.82  ? 78  VAL A C   1 
ATOM   548 O O   . VAL A 1 78 ? -1.882  -4.229  15.041  1.00 28.15  ? 78  VAL A O   1 
ATOM   549 C CB  . VAL A 1 78 ? -4.984  -4.477  15.056  1.00 36.41  ? 78  VAL A CB  1 
ATOM   550 C CG1 . VAL A 1 78 ? -4.541  -3.017  15.083  1.00 54.32  ? 78  VAL A CG1 1 
ATOM   551 C CG2 . VAL A 1 78 ? -5.298  -4.888  13.637  1.00 43.91  ? 78  VAL A CG2 1 
ATOM   552 N N   . SER A 1 79 ? -2.264  -6.177  14.016  1.00 26.03  ? 79  SER A N   1 
ATOM   553 C CA  . SER A 1 79 ? -1.055  -6.110  13.199  1.00 25.69  ? 79  SER A CA  1 
ATOM   554 C C   . SER A 1 79 ? -1.198  -5.073  12.105  1.00 24.33  ? 79  SER A C   1 
ATOM   555 O O   . SER A 1 79 ? -2.297  -4.843  11.597  1.00 22.63  ? 79  SER A O   1 
ATOM   556 C CB  . SER A 1 79 ? -0.770  -7.468  12.555  1.00 24.31  ? 79  SER A CB  1 
ATOM   557 O OG  . SER A 1 79 ? -0.344  -8.382  13.554  1.00 23.63  ? 79  SER A OG  1 
ATOM   558 N N   . THR A 1 80 ? -0.068  -4.467  11.754  1.00 20.90  ? 80  THR A N   1 
ATOM   559 C CA  . THR A 1 80 ? -0.005  -3.455  10.724  1.00 25.26  ? 80  THR A CA  1 
ATOM   560 C C   . THR A 1 80 ? 1.150   -3.740  9.783   1.00 32.82  ? 80  THR A C   1 
ATOM   561 O O   . THR A 1 80 ? 2.128   -4.417  10.135  1.00 23.24  ? 80  THR A O   1 
ATOM   562 C CB  . THR A 1 80 ? 0.280   -2.057  11.299  1.00 28.14  ? 80  THR A CB  1 
ATOM   563 O OG1 . THR A 1 80 ? 1.563   -2.078  11.935  1.00 30.03  ? 80  THR A OG1 1 
ATOM   564 C CG2 . THR A 1 80 ? -0.780  -1.642  12.310  1.00 35.34  ? 80  THR A CG2 1 
ATOM   565 N N   . ILE A 1 81 ? 1.022   -3.220  8.573   1.00 19.10  ? 81  ILE A N   1 
ATOM   566 C CA  . ILE A 1 81 ? 2.074   -3.327  7.579   1.00 16.49  ? 81  ILE A CA  1 
ATOM   567 C C   . ILE A 1 81 ? 2.122   -1.971  6.875   1.00 28.05  ? 81  ILE A C   1 
ATOM   568 O O   . ILE A 1 81 ? 1.116   -1.267  6.757   1.00 19.31  ? 81  ILE A O   1 
ATOM   569 C CB  . ILE A 1 81 ? 1.815   -4.439  6.526   1.00 20.24  ? 81  ILE A CB  1 
ATOM   570 C CG1 . ILE A 1 81 ? 3.106   -4.699  5.724   1.00 23.58  ? 81  ILE A CG1 1 
ATOM   571 C CG2 . ILE A 1 81 ? 0.714   -4.018  5.550   1.00 19.44  ? 81  ILE A CG2 1 
ATOM   572 C CD1 . ILE A 1 81 ? 3.072   -6.028  4.930   1.00 19.15  ? 81  ILE A CD1 1 
ATOM   573 N N   . GLU A 1 82 ? 3.311   -1.598  6.449   1.00 23.42  ? 82  GLU A N   1 
ATOM   574 C CA  . GLU A 1 82 ? 3.508   -0.370  5.714   1.00 22.76  ? 82  GLU A CA  1 
ATOM   575 C C   . GLU A 1 82 ? 4.465   -0.777  4.607   1.00 30.90  ? 82  GLU A C   1 
ATOM   576 O O   . GLU A 1 82 ? 5.524   -1.318  4.880   1.00 25.60  ? 82  GLU A O   1 
ATOM   577 C CB  . GLU A 1 82 ? 4.132   0.688   6.612   1.00 26.84  ? 82  GLU A CB  1 
ATOM   578 C CG  . GLU A 1 82 ? 4.359   2.001   5.907   1.00 31.79  ? 82  GLU A CG  1 
ATOM   579 C CD  . GLU A 1 82 ? 4.803   3.086   6.866   1.00 78.09  ? 82  GLU A CD  1 
ATOM   580 O OE1 . GLU A 1 82 ? 4.041   3.413   7.809   1.00 57.31  ? 82  GLU A OE1 1 
ATOM   581 O OE2 . GLU A 1 82 ? 5.920   3.605   6.671   1.00 43.31  ? 82  GLU A OE2 1 
ATOM   582 N N   . ILE A 1 83 ? 4.063   -0.549  3.359   1.00 19.49  ? 83  ILE A N   1 
ATOM   583 C CA  . ILE A 1 83 ? 4.864   -0.905  2.192   1.00 21.34  ? 83  ILE A CA  1 
ATOM   584 C C   . ILE A 1 83 ? 5.152   0.364   1.410   1.00 30.79  ? 83  ILE A C   1 
ATOM   585 O O   . ILE A 1 83 ? 4.241   1.056   0.971   1.00 24.23  ? 83  ILE A O   1 
ATOM   586 C CB  . ILE A 1 83 ? 4.115   -1.878  1.250   1.00 24.48  ? 83  ILE A CB  1 
ATOM   587 C CG1 . ILE A 1 83 ? 3.647   -3.120  2.018   1.00 32.52  ? 83  ILE A CG1 1 
ATOM   588 C CG2 . ILE A 1 83 ? 5.030   -2.286  0.092   1.00 16.47  ? 83  ILE A CG2 1 
ATOM   589 C CD1 . ILE A 1 83 ? 2.643   -3.994  1.219   1.00 26.74  ? 83  ILE A CD1 1 
ATOM   590 N N   . VAL A 1 84 ? 6.425   0.677   1.234   1.00 26.96  ? 84  VAL A N   1 
ATOM   591 C CA  . VAL A 1 84 ? 6.764   1.885   0.502   1.00 33.67  ? 84  VAL A CA  1 
ATOM   592 C C   . VAL A 1 84 ? 7.192   1.530   -0.903  1.00 30.27  ? 84  VAL A C   1 
ATOM   593 O O   . VAL A 1 84 ? 8.145   0.775   -1.095  1.00 23.53  ? 84  VAL A O   1 
ATOM   594 C CB  . VAL A 1 84 ? 7.878   2.676   1.228   1.00 35.59  ? 84  VAL A CB  1 
ATOM   595 C CG1 . VAL A 1 84 ? 8.240   3.928   0.440   1.00 33.49  ? 84  VAL A CG1 1 
ATOM   596 C CG2 . VAL A 1 84 ? 7.395   3.060   2.623   1.00 24.08  ? 84  VAL A CG2 1 
ATOM   597 N N   . LEU A 1 85 ? 6.447   2.032   -1.887  1.00 23.91  ? 85  LEU A N   1 
ATOM   598 C CA  . LEU A 1 85 ? 6.780   1.797   -3.284  1.00 17.44  ? 85  LEU A CA  1 
ATOM   599 C C   . LEU A 1 85 ? 7.497   3.053   -3.807  1.00 40.10  ? 85  LEU A C   1 
ATOM   600 O O   . LEU A 1 85 ? 7.094   4.176   -3.497  1.00 38.41  ? 85  LEU A O   1 
ATOM   601 C CB  . LEU A 1 85 ? 5.524   1.559   -4.122  1.00 20.84  ? 85  LEU A CB  1 
ATOM   602 C CG  . LEU A 1 85 ? 4.640   0.358   -3.789  1.00 36.82  ? 85  LEU A CG  1 
ATOM   603 C CD1 . LEU A 1 85 ? 3.473   0.307   -4.756  1.00 48.59  ? 85  LEU A CD1 1 
ATOM   604 C CD2 . LEU A 1 85 ? 5.453   -0.912  -3.861  1.00 31.86  ? 85  LEU A CD2 1 
ATOM   605 N N   . ALA A 1 86 ? 8.556   2.863   -4.592  1.00 37.85  ? 86  ALA A N   1 
ATOM   606 C CA  . ALA A 1 86 ? 9.305   3.986   -5.141  1.00 25.85  ? 86  ALA A CA  1 
ATOM   607 C C   . ALA A 1 86 ? 9.647   3.726   -6.597  1.00 30.96  ? 86  ALA A C   1 
ATOM   608 O O   . ALA A 1 86 ? 9.924   2.589   -6.997  1.00 33.22  ? 86  ALA A O   1 
ATOM   609 C CB  . ALA A 1 86 ? 10.568  4.213   -4.340  1.00 37.99  ? 86  ALA A CB  1 
ATOM   610 N N   . LYS A 1 87 ? 9.618   4.782   -7.399  1.00 35.14  ? 87  LYS A N   1 
ATOM   611 C CA  . LYS A 1 87 ? 9.922   4.650   -8.816  1.00 49.02  ? 87  LYS A CA  1 
ATOM   612 C C   . LYS A 1 87 ? 11.434  4.632   -9.017  1.00 40.35  ? 87  LYS A C   1 
ATOM   613 O O   . LYS A 1 87 ? 12.148  5.056   -8.083  1.00 67.87  ? 87  LYS A O   1 
ATOM   614 C CB  . LYS A 1 87 ? 9.312   5.808   -9.598  1.00 32.86  ? 87  LYS A CB  1 
ATOM   615 C CG  . LYS A 1 87 ? 7.793   5.800   -9.671  1.00 41.89  ? 87  LYS A CG  1 
ATOM   616 C CD  . LYS A 1 87 ? 7.322   6.943   -10.555 1.00 60.71  ? 87  LYS A CD  1 
ATOM   617 C CE  . LYS A 1 87 ? 5.826   6.911   -10.801 1.00 76.14  ? 87  LYS A CE  1 
ATOM   618 N NZ  . LYS A 1 87 ? 5.410   7.972   -11.767 1.00 69.51  ? 87  LYS A NZ  1 
ATOM   619 O OXT . LYS A 1 87 ? 11.880  4.204   -10.105 1.00 79.09  ? 87  LYS A OXT 1 
HETATM 620 O O   . HOH B 2 .  ? -6.639  -1.361  7.343   1.00 26.00  ? 88  HOH A O   1 
HETATM 621 O O   . HOH B 2 .  ? -3.079  -12.896 -3.249  1.00 31.91  ? 89  HOH A O   1 
HETATM 622 O O   . HOH B 2 .  ? -0.014  -7.635  16.150  1.00 32.72  ? 90  HOH A O   1 
HETATM 623 O O   . HOH B 2 .  ? 3.371   -1.193  10.089  1.00 32.29  ? 91  HOH A O   1 
HETATM 624 O O   . HOH B 2 .  ? 4.483   16.579  -8.186  1.00 33.18  ? 92  HOH A O   1 
HETATM 625 O O   . HOH B 2 .  ? -11.113 -6.754  -3.273  1.00 30.77  ? 93  HOH A O   1 
HETATM 626 O O   . HOH B 2 .  ? -11.048 -5.067  -7.030  1.00 30.28  ? 94  HOH A O   1 
HETATM 627 O O   . HOH B 2 .  ? 9.406   -4.383  10.279  1.00 32.95  ? 95  HOH A O   1 
HETATM 628 O O   . HOH B 2 .  ? -10.920 2.595   2.377   1.00 33.58  ? 96  HOH A O   1 
HETATM 629 O O   . HOH B 2 .  ? -1.690  -9.117  -7.025  1.00 31.45  ? 97  HOH A O   1 
HETATM 630 O O   . HOH B 2 .  ? -6.276  6.700   2.046   1.00 41.35  ? 98  HOH A O   1 
HETATM 631 O O   . HOH B 2 .  ? -9.905  4.944   -5.773  1.00 38.71  ? 99  HOH A O   1 
HETATM 632 O O   . HOH B 2 .  ? 7.378   8.326   1.252   1.00 38.85  ? 100 HOH A O   1 
HETATM 633 O O   . HOH B 2 .  ? 12.415  -2.968  4.527   1.00 46.40  ? 101 HOH A O   1 
HETATM 634 O O   . HOH B 2 .  ? -8.254  -8.415  2.784   1.00 34.26  ? 102 HOH A O   1 
HETATM 635 O O   . HOH B 2 .  ? -1.724  19.929  2.269   1.00 42.58  ? 103 HOH A O   1 
HETATM 636 O O   . HOH B 2 .  ? -3.138  -9.561  10.789  1.00 44.36  ? 104 HOH A O   1 
HETATM 637 O O   . HOH B 2 .  ? 2.328   -0.084  13.543  1.00 38.74  ? 105 HOH A O   1 
HETATM 638 O O   . HOH B 2 .  ? 0.755   1.660   17.152  1.00 45.71  ? 106 HOH A O   1 
HETATM 639 O O   . HOH B 2 .  ? -1.909  12.918  -7.703  1.00 47.23  ? 107 HOH A O   1 
HETATM 640 O O   . HOH B 2 .  ? 8.714   6.792   3.361   1.00 44.99  ? 108 HOH A O   1 
HETATM 641 O O   . HOH B 2 .  ? 5.281   5.920   7.500   1.00 46.80  ? 109 HOH A O   1 
HETATM 642 O O   . HOH B 2 .  ? 0.324   6.441   -11.977 1.00 40.96  ? 110 HOH A O   1 
HETATM 643 O O   . HOH B 2 .  ? -7.713  0.213   9.121   1.00 48.09  ? 111 HOH A O   1 
# 
loop_
_pdbx_poly_seq_scheme.asym_id 
_pdbx_poly_seq_scheme.entity_id 
_pdbx_poly_seq_scheme.seq_id 
_pdbx_poly_seq_scheme.mon_id 
_pdbx_poly_seq_scheme.ndb_seq_num 
_pdbx_poly_seq_scheme.pdb_seq_num 
_pdbx_poly_seq_scheme.auth_seq_num 
_pdbx_poly_seq_scheme.pdb_mon_id 
_pdbx_poly_seq_scheme.auth_mon_id 
_pdbx_poly_seq_scheme.pdb_strand_id 
_pdbx_poly_seq_scheme.pdb_ins_code 
_pdbx_poly_seq_scheme.hetero 
A 1 1  MET 1  1  1  MET MET A . n 
A 1 2  ASP 2  2  2  ASP ASP A . n 
A 1 3  ASN 3  3  3  ASN ASN A . n 
A 1 4  VAL 4  4  4  VAL VAL A . n 
A 1 5  VAL 5  5  5  VAL VAL A . n 
A 1 6  LEU 6  6  6  LEU LEU A . n 
A 1 7  ILE 7  7  7  ILE ILE A . n 
A 1 8  GLY 8  8  8  GLY GLY A . n 
A 1 9  LYS 9  9  9  LYS LYS A . n 
A 1 10 LYS 10 10 10 LYS LYS A . n 
A 1 11 PRO 11 11 11 PRO PRO A . n 
A 1 12 VAL 12 12 12 VAL VAL A . n 
A 1 13 MET 13 13 13 MET MET A . n 
A 1 14 ASN 14 14 14 ASN ASN A . n 
A 1 15 TYR 15 15 15 TYR TYR A . n 
A 1 16 VAL 16 16 16 VAL VAL A . n 
A 1 17 VAL 17 17 17 VAL VAL A . n 
A 1 18 ALA 18 18 18 ALA ALA A . n 
A 1 19 VAL 19 19 19 VAL VAL A . n 
A 1 20 LEU 20 20 20 LEU LEU A . n 
A 1 21 THR 21 21 21 THR THR A . n 
A 1 22 GLN 22 22 22 GLN GLN A . n 
A 1 23 LEU 23 23 23 LEU LEU A . n 
A 1 24 THR 24 24 24 THR THR A . n 
A 1 25 SER 25 25 25 SER SER A . n 
A 1 26 ASN 26 26 26 ASN ASN A . n 
A 1 27 ASP 27 27 27 ASP ASP A . n 
A 1 28 GLU 28 28 28 GLU GLU A . n 
A 1 29 VAL 29 29 29 VAL VAL A . n 
A 1 30 ILE 30 30 30 ILE ILE A . n 
A 1 31 ILE 31 31 31 ILE ILE A . n 
A 1 32 LYS 32 32 32 LYS LYS A . n 
A 1 33 ALA 33 33 33 ALA ALA A . n 
A 1 34 ARG 34 34 34 ARG ARG A . n 
A 1 35 GLY 35 35 35 GLY GLY A . n 
A 1 36 LYS 36 36 36 LYS LYS A . n 
A 1 37 ALA 37 37 37 ALA ALA A . n 
A 1 38 ILE 38 38 38 ILE ILE A . n 
A 1 39 ASN 39 39 39 ASN ASN A . n 
A 1 40 LYS 40 40 40 LYS LYS A . n 
A 1 41 ALA 41 41 41 ALA ALA A . n 
A 1 42 VAL 42 42 42 VAL VAL A . n 
A 1 43 ASP 43 43 43 ASP ASP A . n 
A 1 44 VAL 44 44 44 VAL VAL A . n 
A 1 45 ALA 45 45 45 ALA ALA A . n 
A 1 46 GLU 46 46 46 GLU GLU A . n 
A 1 47 MET 47 47 47 MET MET A . n 
A 1 48 ILE 48 48 48 ILE ILE A . n 
A 1 49 ARG 49 49 49 ARG ARG A . n 
A 1 50 ASN 50 50 50 ASN ASN A . n 
A 1 51 ARG 51 51 51 ARG ARG A . n 
A 1 52 PHE 52 52 52 PHE PHE A . n 
A 1 53 ILE 53 53 53 ILE ILE A . n 
A 1 54 LYS 54 54 54 LYS LYS A . n 
A 1 55 ASP 55 55 55 ASP ASP A . n 
A 1 56 ILE 56 56 56 ILE ILE A . n 
A 1 57 LYS 57 57 57 LYS LYS A . n 
A 1 58 ILE 58 58 58 ILE ILE A . n 
A 1 59 LYS 59 59 59 LYS LYS A . n 
A 1 60 LYS 60 60 60 LYS LYS A . n 
A 1 61 ILE 61 61 61 ILE ILE A . n 
A 1 62 GLU 62 62 62 GLU GLU A . n 
A 1 63 ILE 63 63 63 ILE ILE A . n 
A 1 64 GLY 64 64 64 GLY GLY A . n 
A 1 65 THR 65 65 65 THR THR A . n 
A 1 66 ASP 66 66 66 ASP ASP A . n 
A 1 67 LYS 67 67 67 LYS LYS A . n 
A 1 68 VAL 68 68 ?  ?   ?   A . n 
A 1 69 LYS 69 69 ?  ?   ?   A . n 
A 1 70 ASN 70 70 ?  ?   ?   A . n 
A 1 71 PRO 71 71 ?  ?   ?   A . n 
A 1 72 ASP 72 72 ?  ?   ?   A . n 
A 1 73 GLY 73 73 ?  ?   ?   A . n 
A 1 74 ARG 74 74 ?  ?   ?   A . n 
A 1 75 GLU 75 75 75 GLU GLU A . n 
A 1 76 VAL 76 76 76 VAL VAL A . n 
A 1 77 ASN 77 77 77 ASN ASN A . n 
A 1 78 VAL 78 78 78 VAL VAL A . n 
A 1 79 SER 79 79 79 SER SER A . n 
A 1 80 THR 80 80 80 THR THR A . n 
A 1 81 ILE 81 81 81 ILE ILE A . n 
A 1 82 GLU 82 82 82 GLU GLU A . n 
A 1 83 ILE 83 83 83 ILE ILE A . n 
A 1 84 VAL 84 84 84 VAL VAL A . n 
A 1 85 LEU 85 85 85 LEU LEU A . n 
A 1 86 ALA 86 86 86 ALA ALA A . n 
A 1 87 LYS 87 87 87 LYS LYS A . n 
# 
loop_
_pdbx_nonpoly_scheme.asym_id 
_pdbx_nonpoly_scheme.entity_id 
_pdbx_nonpoly_scheme.mon_id 
_pdbx_nonpoly_scheme.ndb_seq_num 
_pdbx_nonpoly_scheme.pdb_seq_num 
_pdbx_nonpoly_scheme.auth_seq_num 
_pdbx_nonpoly_scheme.pdb_mon_id 
_pdbx_nonpoly_scheme.auth_mon_id 
_pdbx_nonpoly_scheme.pdb_strand_id 
_pdbx_nonpoly_scheme.pdb_ins_code 
B 2 HOH 1  88  1  HOH TIP A . 
B 2 HOH 2  89  2  HOH TIP A . 
B 2 HOH 3  90  3  HOH TIP A . 
B 2 HOH 4  91  4  HOH TIP A . 
B 2 HOH 5  92  5  HOH TIP A . 
B 2 HOH 6  93  6  HOH TIP A . 
B 2 HOH 7  94  7  HOH TIP A . 
B 2 HOH 8  95  8  HOH TIP A . 
B 2 HOH 9  96  9  HOH TIP A . 
B 2 HOH 10 97  10 HOH TIP A . 
B 2 HOH 11 98  11 HOH TIP A . 
B 2 HOH 12 99  12 HOH TIP A . 
B 2 HOH 13 100 13 HOH TIP A . 
B 2 HOH 14 101 14 HOH TIP A . 
B 2 HOH 15 102 15 HOH TIP A . 
B 2 HOH 16 103 16 HOH TIP A . 
B 2 HOH 17 104 17 HOH TIP A . 
B 2 HOH 18 105 18 HOH TIP A . 
B 2 HOH 19 106 19 HOH TIP A . 
B 2 HOH 20 107 20 HOH TIP A . 
B 2 HOH 21 108 21 HOH TIP A . 
B 2 HOH 22 109 22 HOH TIP A . 
B 2 HOH 23 110 23 HOH TIP A . 
B 2 HOH 24 111 24 HOH TIP A . 
# 
_pdbx_struct_assembly.id                   1 
_pdbx_struct_assembly.details              author_defined_assembly 
_pdbx_struct_assembly.method_details       ? 
_pdbx_struct_assembly.oligomeric_details   monomeric 
_pdbx_struct_assembly.oligomeric_count     1 
# 
_pdbx_struct_assembly_gen.assembly_id       1 
_pdbx_struct_assembly_gen.oper_expression   1 
_pdbx_struct_assembly_gen.asym_id_list      A,B 
# 
_pdbx_struct_oper_list.id                   1 
_pdbx_struct_oper_list.type                 'identity operation' 
_pdbx_struct_oper_list.name                 1_555 
_pdbx_struct_oper_list.symmetry_operation   x,y,z 
_pdbx_struct_oper_list.matrix[1][1]         1.0000000000 
_pdbx_struct_oper_list.matrix[1][2]         0.0000000000 
_pdbx_struct_oper_list.matrix[1][3]         0.0000000000 
_pdbx_struct_oper_list.vector[1]            0.0000000000 
_pdbx_struct_oper_list.matrix[2][1]         0.0000000000 
_pdbx_struct_oper_list.matrix[2][2]         1.0000000000 
_pdbx_struct_oper_list.matrix[2][3]         0.0000000000 
_pdbx_struct_oper_list.vector[2]            0.0000000000 
_pdbx_struct_oper_list.matrix[3][1]         0.0000000000 
_pdbx_struct_oper_list.matrix[3][2]         0.0000000000 
_pdbx_struct_oper_list.matrix[3][3]         1.0000000000 
_pdbx_struct_oper_list.vector[3]            0.0000000000 
# 
loop_
_pdbx_audit_revision_history.ordinal 
_pdbx_audit_revision_history.data_content_type 
_pdbx_audit_revision_history.major_revision 
_pdbx_audit_revision_history.minor_revision 
_pdbx_audit_revision_history.revision_date 
1 'Structure model' 1 0 2003-12-23 
2 'Structure model' 1 1 2008-04-29 
3 'Structure model' 1 2 2011-07-13 
4 'Structure model' 1 3 2023-10-25 
# 
_pdbx_audit_revision_details.ordinal             1 
_pdbx_audit_revision_details.revision_ordinal    1 
_pdbx_audit_revision_details.data_content_type   'Structure model' 
_pdbx_audit_revision_details.provider            repository 
_pdbx_audit_revision_details.type                'Initial release' 
_pdbx_audit_revision_details.description         ? 
_pdbx_audit_revision_details.details             ? 
# 
loop_
_pdbx_audit_revision_group.ordinal 
_pdbx_audit_revision_group.revision_ordinal 
_pdbx_audit_revision_group.data_content_type 
_pdbx_audit_revision_group.group 
1 2 'Structure model' 'Version format compliance' 
2 3 'Structure model' 'Version format compliance' 
3 4 'Structure model' 'Data collection'           
4 4 'Structure model' 'Database references'       
5 4 'Structure model' 'Refinement description'    
# 
loop_
_pdbx_audit_revision_category.ordinal 
_pdbx_audit_revision_category.revision_ordinal 
_pdbx_audit_revision_category.data_content_type 
_pdbx_audit_revision_category.category 
1 4 'Structure model' chem_comp_atom                
2 4 'Structure model' chem_comp_bond                
3 4 'Structure model' database_2                    
4 4 'Structure model' pdbx_initial_refinement_model 
# 
loop_
_pdbx_audit_revision_item.ordinal 
_pdbx_audit_revision_item.revision_ordinal 
_pdbx_audit_revision_item.data_content_type 
_pdbx_audit_revision_item.item 
1 4 'Structure model' '_database_2.pdbx_DOI'                
2 4 'Structure model' '_database_2.pdbx_database_accession' 
# 
loop_
_software.name 
_software.classification 
_software.version 
_software.citation_id 
_software.pdbx_ordinal 
DENZO     'data reduction' . ? 1 
SCALEPACK 'data scaling'   . ? 2 
CNS       refinement       . ? 3 
CNS       phasing          . ? 4 
# 
loop_
_pdbx_validate_symm_contact.id 
_pdbx_validate_symm_contact.PDB_model_num 
_pdbx_validate_symm_contact.auth_atom_id_1 
_pdbx_validate_symm_contact.auth_asym_id_1 
_pdbx_validate_symm_contact.auth_comp_id_1 
_pdbx_validate_symm_contact.auth_seq_id_1 
_pdbx_validate_symm_contact.PDB_ins_code_1 
_pdbx_validate_symm_contact.label_alt_id_1 
_pdbx_validate_symm_contact.site_symmetry_1 
_pdbx_validate_symm_contact.auth_atom_id_2 
_pdbx_validate_symm_contact.auth_asym_id_2 
_pdbx_validate_symm_contact.auth_comp_id_2 
_pdbx_validate_symm_contact.auth_seq_id_2 
_pdbx_validate_symm_contact.PDB_ins_code_2 
_pdbx_validate_symm_contact.label_alt_id_2 
_pdbx_validate_symm_contact.site_symmetry_2 
_pdbx_validate_symm_contact.dist 
1 1 O   A HOH 106 ? ? 1_555 O A HOH 106 ? ? 9_552 1.30 
2 1 ND2 A ASN 26  ? ? 1_555 O A HOH 93  ? ? 8_562 2.17 
# 
loop_
_pdbx_unobs_or_zero_occ_atoms.id 
_pdbx_unobs_or_zero_occ_atoms.PDB_model_num 
_pdbx_unobs_or_zero_occ_atoms.polymer_flag 
_pdbx_unobs_or_zero_occ_atoms.occupancy_flag 
_pdbx_unobs_or_zero_occ_atoms.auth_asym_id 
_pdbx_unobs_or_zero_occ_atoms.auth_comp_id 
_pdbx_unobs_or_zero_occ_atoms.auth_seq_id 
_pdbx_unobs_or_zero_occ_atoms.PDB_ins_code 
_pdbx_unobs_or_zero_occ_atoms.auth_atom_id 
_pdbx_unobs_or_zero_occ_atoms.label_alt_id 
_pdbx_unobs_or_zero_occ_atoms.label_asym_id 
_pdbx_unobs_or_zero_occ_atoms.label_comp_id 
_pdbx_unobs_or_zero_occ_atoms.label_seq_id 
_pdbx_unobs_or_zero_occ_atoms.label_atom_id 
1 1 Y 1 A GLU 75 ? CG  ? A GLU 75 CG  
2 1 Y 1 A GLU 75 ? CD  ? A GLU 75 CD  
3 1 Y 1 A GLU 75 ? OE1 ? A GLU 75 OE1 
4 1 Y 1 A GLU 75 ? OE2 ? A GLU 75 OE2 
# 
loop_
_pdbx_unobs_or_zero_occ_residues.id 
_pdbx_unobs_or_zero_occ_residues.PDB_model_num 
_pdbx_unobs_or_zero_occ_residues.polymer_flag 
_pdbx_unobs_or_zero_occ_residues.occupancy_flag 
_pdbx_unobs_or_zero_occ_residues.auth_asym_id 
_pdbx_unobs_or_zero_occ_residues.auth_comp_id 
_pdbx_unobs_or_zero_occ_residues.auth_seq_id 
_pdbx_unobs_or_zero_occ_residues.PDB_ins_code 
_pdbx_unobs_or_zero_occ_residues.label_asym_id 
_pdbx_unobs_or_zero_occ_residues.label_comp_id 
_pdbx_unobs_or_zero_occ_residues.label_seq_id 
1 1 Y 1 A VAL 68 ? A VAL 68 
2 1 Y 1 A LYS 69 ? A LYS 69 
3 1 Y 1 A ASN 70 ? A ASN 70 
4 1 Y 1 A PRO 71 ? A PRO 71 
5 1 Y 1 A ASP 72 ? A ASP 72 
6 1 Y 1 A GLY 73 ? A GLY 73 
7 1 Y 1 A ARG 74 ? A ARG 74 
# 
loop_
_chem_comp_atom.comp_id 
_chem_comp_atom.atom_id 
_chem_comp_atom.type_symbol 
_chem_comp_atom.pdbx_aromatic_flag 
_chem_comp_atom.pdbx_stereo_config 
_chem_comp_atom.pdbx_ordinal 
ALA N    N N N 1   
ALA CA   C N S 2   
ALA C    C N N 3   
ALA O    O N N 4   
ALA CB   C N N 5   
ALA OXT  O N N 6   
ALA H    H N N 7   
ALA H2   H N N 8   
ALA HA   H N N 9   
ALA HB1  H N N 10  
ALA HB2  H N N 11  
ALA HB3  H N N 12  
ALA HXT  H N N 13  
ARG N    N N N 14  
ARG CA   C N S 15  
ARG C    C N N 16  
ARG O    O N N 17  
ARG CB   C N N 18  
ARG CG   C N N 19  
ARG CD   C N N 20  
ARG NE   N N N 21  
ARG CZ   C N N 22  
ARG NH1  N N N 23  
ARG NH2  N N N 24  
ARG OXT  O N N 25  
ARG H    H N N 26  
ARG H2   H N N 27  
ARG HA   H N N 28  
ARG HB2  H N N 29  
ARG HB3  H N N 30  
ARG HG2  H N N 31  
ARG HG3  H N N 32  
ARG HD2  H N N 33  
ARG HD3  H N N 34  
ARG HE   H N N 35  
ARG HH11 H N N 36  
ARG HH12 H N N 37  
ARG HH21 H N N 38  
ARG HH22 H N N 39  
ARG HXT  H N N 40  
ASN N    N N N 41  
ASN CA   C N S 42  
ASN C    C N N 43  
ASN O    O N N 44  
ASN CB   C N N 45  
ASN CG   C N N 46  
ASN OD1  O N N 47  
ASN ND2  N N N 48  
ASN OXT  O N N 49  
ASN H    H N N 50  
ASN H2   H N N 51  
ASN HA   H N N 52  
ASN HB2  H N N 53  
ASN HB3  H N N 54  
ASN HD21 H N N 55  
ASN HD22 H N N 56  
ASN HXT  H N N 57  
ASP N    N N N 58  
ASP CA   C N S 59  
ASP C    C N N 60  
ASP O    O N N 61  
ASP CB   C N N 62  
ASP CG   C N N 63  
ASP OD1  O N N 64  
ASP OD2  O N N 65  
ASP OXT  O N N 66  
ASP H    H N N 67  
ASP H2   H N N 68  
ASP HA   H N N 69  
ASP HB2  H N N 70  
ASP HB3  H N N 71  
ASP HD2  H N N 72  
ASP HXT  H N N 73  
GLN N    N N N 74  
GLN CA   C N S 75  
GLN C    C N N 76  
GLN O    O N N 77  
GLN CB   C N N 78  
GLN CG   C N N 79  
GLN CD   C N N 80  
GLN OE1  O N N 81  
GLN NE2  N N N 82  
GLN OXT  O N N 83  
GLN H    H N N 84  
GLN H2   H N N 85  
GLN HA   H N N 86  
GLN HB2  H N N 87  
GLN HB3  H N N 88  
GLN HG2  H N N 89  
GLN HG3  H N N 90  
GLN HE21 H N N 91  
GLN HE22 H N N 92  
GLN HXT  H N N 93  
GLU N    N N N 94  
GLU CA   C N S 95  
GLU C    C N N 96  
GLU O    O N N 97  
GLU CB   C N N 98  
GLU CG   C N N 99  
GLU CD   C N N 100 
GLU OE1  O N N 101 
GLU OE2  O N N 102 
GLU OXT  O N N 103 
GLU H    H N N 104 
GLU H2   H N N 105 
GLU HA   H N N 106 
GLU HB2  H N N 107 
GLU HB3  H N N 108 
GLU HG2  H N N 109 
GLU HG3  H N N 110 
GLU HE2  H N N 111 
GLU HXT  H N N 112 
GLY N    N N N 113 
GLY CA   C N N 114 
GLY C    C N N 115 
GLY O    O N N 116 
GLY OXT  O N N 117 
GLY H    H N N 118 
GLY H2   H N N 119 
GLY HA2  H N N 120 
GLY HA3  H N N 121 
GLY HXT  H N N 122 
HOH O    O N N 123 
HOH H1   H N N 124 
HOH H2   H N N 125 
ILE N    N N N 126 
ILE CA   C N S 127 
ILE C    C N N 128 
ILE O    O N N 129 
ILE CB   C N S 130 
ILE CG1  C N N 131 
ILE CG2  C N N 132 
ILE CD1  C N N 133 
ILE OXT  O N N 134 
ILE H    H N N 135 
ILE H2   H N N 136 
ILE HA   H N N 137 
ILE HB   H N N 138 
ILE HG12 H N N 139 
ILE HG13 H N N 140 
ILE HG21 H N N 141 
ILE HG22 H N N 142 
ILE HG23 H N N 143 
ILE HD11 H N N 144 
ILE HD12 H N N 145 
ILE HD13 H N N 146 
ILE HXT  H N N 147 
LEU N    N N N 148 
LEU CA   C N S 149 
LEU C    C N N 150 
LEU O    O N N 151 
LEU CB   C N N 152 
LEU CG   C N N 153 
LEU CD1  C N N 154 
LEU CD2  C N N 155 
LEU OXT  O N N 156 
LEU H    H N N 157 
LEU H2   H N N 158 
LEU HA   H N N 159 
LEU HB2  H N N 160 
LEU HB3  H N N 161 
LEU HG   H N N 162 
LEU HD11 H N N 163 
LEU HD12 H N N 164 
LEU HD13 H N N 165 
LEU HD21 H N N 166 
LEU HD22 H N N 167 
LEU HD23 H N N 168 
LEU HXT  H N N 169 
LYS N    N N N 170 
LYS CA   C N S 171 
LYS C    C N N 172 
LYS O    O N N 173 
LYS CB   C N N 174 
LYS CG   C N N 175 
LYS CD   C N N 176 
LYS CE   C N N 177 
LYS NZ   N N N 178 
LYS OXT  O N N 179 
LYS H    H N N 180 
LYS H2   H N N 181 
LYS HA   H N N 182 
LYS HB2  H N N 183 
LYS HB3  H N N 184 
LYS HG2  H N N 185 
LYS HG3  H N N 186 
LYS HD2  H N N 187 
LYS HD3  H N N 188 
LYS HE2  H N N 189 
LYS HE3  H N N 190 
LYS HZ1  H N N 191 
LYS HZ2  H N N 192 
LYS HZ3  H N N 193 
LYS HXT  H N N 194 
MET N    N N N 195 
MET CA   C N S 196 
MET C    C N N 197 
MET O    O N N 198 
MET CB   C N N 199 
MET CG   C N N 200 
MET SD   S N N 201 
MET CE   C N N 202 
MET OXT  O N N 203 
MET H    H N N 204 
MET H2   H N N 205 
MET HA   H N N 206 
MET HB2  H N N 207 
MET HB3  H N N 208 
MET HG2  H N N 209 
MET HG3  H N N 210 
MET HE1  H N N 211 
MET HE2  H N N 212 
MET HE3  H N N 213 
MET HXT  H N N 214 
PHE N    N N N 215 
PHE CA   C N S 216 
PHE C    C N N 217 
PHE O    O N N 218 
PHE CB   C N N 219 
PHE CG   C Y N 220 
PHE CD1  C Y N 221 
PHE CD2  C Y N 222 
PHE CE1  C Y N 223 
PHE CE2  C Y N 224 
PHE CZ   C Y N 225 
PHE OXT  O N N 226 
PHE H    H N N 227 
PHE H2   H N N 228 
PHE HA   H N N 229 
PHE HB2  H N N 230 
PHE HB3  H N N 231 
PHE HD1  H N N 232 
PHE HD2  H N N 233 
PHE HE1  H N N 234 
PHE HE2  H N N 235 
PHE HZ   H N N 236 
PHE HXT  H N N 237 
PRO N    N N N 238 
PRO CA   C N S 239 
PRO C    C N N 240 
PRO O    O N N 241 
PRO CB   C N N 242 
PRO CG   C N N 243 
PRO CD   C N N 244 
PRO OXT  O N N 245 
PRO H    H N N 246 
PRO HA   H N N 247 
PRO HB2  H N N 248 
PRO HB3  H N N 249 
PRO HG2  H N N 250 
PRO HG3  H N N 251 
PRO HD2  H N N 252 
PRO HD3  H N N 253 
PRO HXT  H N N 254 
SER N    N N N 255 
SER CA   C N S 256 
SER C    C N N 257 
SER O    O N N 258 
SER CB   C N N 259 
SER OG   O N N 260 
SER OXT  O N N 261 
SER H    H N N 262 
SER H2   H N N 263 
SER HA   H N N 264 
SER HB2  H N N 265 
SER HB3  H N N 266 
SER HG   H N N 267 
SER HXT  H N N 268 
THR N    N N N 269 
THR CA   C N S 270 
THR C    C N N 271 
THR O    O N N 272 
THR CB   C N R 273 
THR OG1  O N N 274 
THR CG2  C N N 275 
THR OXT  O N N 276 
THR H    H N N 277 
THR H2   H N N 278 
THR HA   H N N 279 
THR HB   H N N 280 
THR HG1  H N N 281 
THR HG21 H N N 282 
THR HG22 H N N 283 
THR HG23 H N N 284 
THR HXT  H N N 285 
TYR N    N N N 286 
TYR CA   C N S 287 
TYR C    C N N 288 
TYR O    O N N 289 
TYR CB   C N N 290 
TYR CG   C Y N 291 
TYR CD1  C Y N 292 
TYR CD2  C Y N 293 
TYR CE1  C Y N 294 
TYR CE2  C Y N 295 
TYR CZ   C Y N 296 
TYR OH   O N N 297 
TYR OXT  O N N 298 
TYR H    H N N 299 
TYR H2   H N N 300 
TYR HA   H N N 301 
TYR HB2  H N N 302 
TYR HB3  H N N 303 
TYR HD1  H N N 304 
TYR HD2  H N N 305 
TYR HE1  H N N 306 
TYR HE2  H N N 307 
TYR HH   H N N 308 
TYR HXT  H N N 309 
VAL N    N N N 310 
VAL CA   C N S 311 
VAL C    C N N 312 
VAL O    O N N 313 
VAL CB   C N N 314 
VAL CG1  C N N 315 
VAL CG2  C N N 316 
VAL OXT  O N N 317 
VAL H    H N N 318 
VAL H2   H N N 319 
VAL HA   H N N 320 
VAL HB   H N N 321 
VAL HG11 H N N 322 
VAL HG12 H N N 323 
VAL HG13 H N N 324 
VAL HG21 H N N 325 
VAL HG22 H N N 326 
VAL HG23 H N N 327 
VAL HXT  H N N 328 
# 
loop_
_chem_comp_bond.comp_id 
_chem_comp_bond.atom_id_1 
_chem_comp_bond.atom_id_2 
_chem_comp_bond.value_order 
_chem_comp_bond.pdbx_aromatic_flag 
_chem_comp_bond.pdbx_stereo_config 
_chem_comp_bond.pdbx_ordinal 
ALA N   CA   sing N N 1   
ALA N   H    sing N N 2   
ALA N   H2   sing N N 3   
ALA CA  C    sing N N 4   
ALA CA  CB   sing N N 5   
ALA CA  HA   sing N N 6   
ALA C   O    doub N N 7   
ALA C   OXT  sing N N 8   
ALA CB  HB1  sing N N 9   
ALA CB  HB2  sing N N 10  
ALA CB  HB3  sing N N 11  
ALA OXT HXT  sing N N 12  
ARG N   CA   sing N N 13  
ARG N   H    sing N N 14  
ARG N   H2   sing N N 15  
ARG CA  C    sing N N 16  
ARG CA  CB   sing N N 17  
ARG CA  HA   sing N N 18  
ARG C   O    doub N N 19  
ARG C   OXT  sing N N 20  
ARG CB  CG   sing N N 21  
ARG CB  HB2  sing N N 22  
ARG CB  HB3  sing N N 23  
ARG CG  CD   sing N N 24  
ARG CG  HG2  sing N N 25  
ARG CG  HG3  sing N N 26  
ARG CD  NE   sing N N 27  
ARG CD  HD2  sing N N 28  
ARG CD  HD3  sing N N 29  
ARG NE  CZ   sing N N 30  
ARG NE  HE   sing N N 31  
ARG CZ  NH1  sing N N 32  
ARG CZ  NH2  doub N N 33  
ARG NH1 HH11 sing N N 34  
ARG NH1 HH12 sing N N 35  
ARG NH2 HH21 sing N N 36  
ARG NH2 HH22 sing N N 37  
ARG OXT HXT  sing N N 38  
ASN N   CA   sing N N 39  
ASN N   H    sing N N 40  
ASN N   H2   sing N N 41  
ASN CA  C    sing N N 42  
ASN CA  CB   sing N N 43  
ASN CA  HA   sing N N 44  
ASN C   O    doub N N 45  
ASN C   OXT  sing N N 46  
ASN CB  CG   sing N N 47  
ASN CB  HB2  sing N N 48  
ASN CB  HB3  sing N N 49  
ASN CG  OD1  doub N N 50  
ASN CG  ND2  sing N N 51  
ASN ND2 HD21 sing N N 52  
ASN ND2 HD22 sing N N 53  
ASN OXT HXT  sing N N 54  
ASP N   CA   sing N N 55  
ASP N   H    sing N N 56  
ASP N   H2   sing N N 57  
ASP CA  C    sing N N 58  
ASP CA  CB   sing N N 59  
ASP CA  HA   sing N N 60  
ASP C   O    doub N N 61  
ASP C   OXT  sing N N 62  
ASP CB  CG   sing N N 63  
ASP CB  HB2  sing N N 64  
ASP CB  HB3  sing N N 65  
ASP CG  OD1  doub N N 66  
ASP CG  OD2  sing N N 67  
ASP OD2 HD2  sing N N 68  
ASP OXT HXT  sing N N 69  
GLN N   CA   sing N N 70  
GLN N   H    sing N N 71  
GLN N   H2   sing N N 72  
GLN CA  C    sing N N 73  
GLN CA  CB   sing N N 74  
GLN CA  HA   sing N N 75  
GLN C   O    doub N N 76  
GLN C   OXT  sing N N 77  
GLN CB  CG   sing N N 78  
GLN CB  HB2  sing N N 79  
GLN CB  HB3  sing N N 80  
GLN CG  CD   sing N N 81  
GLN CG  HG2  sing N N 82  
GLN CG  HG3  sing N N 83  
GLN CD  OE1  doub N N 84  
GLN CD  NE2  sing N N 85  
GLN NE2 HE21 sing N N 86  
GLN NE2 HE22 sing N N 87  
GLN OXT HXT  sing N N 88  
GLU N   CA   sing N N 89  
GLU N   H    sing N N 90  
GLU N   H2   sing N N 91  
GLU CA  C    sing N N 92  
GLU CA  CB   sing N N 93  
GLU CA  HA   sing N N 94  
GLU C   O    doub N N 95  
GLU C   OXT  sing N N 96  
GLU CB  CG   sing N N 97  
GLU CB  HB2  sing N N 98  
GLU CB  HB3  sing N N 99  
GLU CG  CD   sing N N 100 
GLU CG  HG2  sing N N 101 
GLU CG  HG3  sing N N 102 
GLU CD  OE1  doub N N 103 
GLU CD  OE2  sing N N 104 
GLU OE2 HE2  sing N N 105 
GLU OXT HXT  sing N N 106 
GLY N   CA   sing N N 107 
GLY N   H    sing N N 108 
GLY N   H2   sing N N 109 
GLY CA  C    sing N N 110 
GLY CA  HA2  sing N N 111 
GLY CA  HA3  sing N N 112 
GLY C   O    doub N N 113 
GLY C   OXT  sing N N 114 
GLY OXT HXT  sing N N 115 
HOH O   H1   sing N N 116 
HOH O   H2   sing N N 117 
ILE N   CA   sing N N 118 
ILE N   H    sing N N 119 
ILE N   H2   sing N N 120 
ILE CA  C    sing N N 121 
ILE CA  CB   sing N N 122 
ILE CA  HA   sing N N 123 
ILE C   O    doub N N 124 
ILE C   OXT  sing N N 125 
ILE CB  CG1  sing N N 126 
ILE CB  CG2  sing N N 127 
ILE CB  HB   sing N N 128 
ILE CG1 CD1  sing N N 129 
ILE CG1 HG12 sing N N 130 
ILE CG1 HG13 sing N N 131 
ILE CG2 HG21 sing N N 132 
ILE CG2 HG22 sing N N 133 
ILE CG2 HG23 sing N N 134 
ILE CD1 HD11 sing N N 135 
ILE CD1 HD12 sing N N 136 
ILE CD1 HD13 sing N N 137 
ILE OXT HXT  sing N N 138 
LEU N   CA   sing N N 139 
LEU N   H    sing N N 140 
LEU N   H2   sing N N 141 
LEU CA  C    sing N N 142 
LEU CA  CB   sing N N 143 
LEU CA  HA   sing N N 144 
LEU C   O    doub N N 145 
LEU C   OXT  sing N N 146 
LEU CB  CG   sing N N 147 
LEU CB  HB2  sing N N 148 
LEU CB  HB3  sing N N 149 
LEU CG  CD1  sing N N 150 
LEU CG  CD2  sing N N 151 
LEU CG  HG   sing N N 152 
LEU CD1 HD11 sing N N 153 
LEU CD1 HD12 sing N N 154 
LEU CD1 HD13 sing N N 155 
LEU CD2 HD21 sing N N 156 
LEU CD2 HD22 sing N N 157 
LEU CD2 HD23 sing N N 158 
LEU OXT HXT  sing N N 159 
LYS N   CA   sing N N 160 
LYS N   H    sing N N 161 
LYS N   H2   sing N N 162 
LYS CA  C    sing N N 163 
LYS CA  CB   sing N N 164 
LYS CA  HA   sing N N 165 
LYS C   O    doub N N 166 
LYS C   OXT  sing N N 167 
LYS CB  CG   sing N N 168 
LYS CB  HB2  sing N N 169 
LYS CB  HB3  sing N N 170 
LYS CG  CD   sing N N 171 
LYS CG  HG2  sing N N 172 
LYS CG  HG3  sing N N 173 
LYS CD  CE   sing N N 174 
LYS CD  HD2  sing N N 175 
LYS CD  HD3  sing N N 176 
LYS CE  NZ   sing N N 177 
LYS CE  HE2  sing N N 178 
LYS CE  HE3  sing N N 179 
LYS NZ  HZ1  sing N N 180 
LYS NZ  HZ2  sing N N 181 
LYS NZ  HZ3  sing N N 182 
LYS OXT HXT  sing N N 183 
MET N   CA   sing N N 184 
MET N   H    sing N N 185 
MET N   H2   sing N N 186 
MET CA  C    sing N N 187 
MET CA  CB   sing N N 188 
MET CA  HA   sing N N 189 
MET C   O    doub N N 190 
MET C   OXT  sing N N 191 
MET CB  CG   sing N N 192 
MET CB  HB2  sing N N 193 
MET CB  HB3  sing N N 194 
MET CG  SD   sing N N 195 
MET CG  HG2  sing N N 196 
MET CG  HG3  sing N N 197 
MET SD  CE   sing N N 198 
MET CE  HE1  sing N N 199 
MET CE  HE2  sing N N 200 
MET CE  HE3  sing N N 201 
MET OXT HXT  sing N N 202 
PHE N   CA   sing N N 203 
PHE N   H    sing N N 204 
PHE N   H2   sing N N 205 
PHE CA  C    sing N N 206 
PHE CA  CB   sing N N 207 
PHE CA  HA   sing N N 208 
PHE C   O    doub N N 209 
PHE C   OXT  sing N N 210 
PHE CB  CG   sing N N 211 
PHE CB  HB2  sing N N 212 
PHE CB  HB3  sing N N 213 
PHE CG  CD1  doub Y N 214 
PHE CG  CD2  sing Y N 215 
PHE CD1 CE1  sing Y N 216 
PHE CD1 HD1  sing N N 217 
PHE CD2 CE2  doub Y N 218 
PHE CD2 HD2  sing N N 219 
PHE CE1 CZ   doub Y N 220 
PHE CE1 HE1  sing N N 221 
PHE CE2 CZ   sing Y N 222 
PHE CE2 HE2  sing N N 223 
PHE CZ  HZ   sing N N 224 
PHE OXT HXT  sing N N 225 
PRO N   CA   sing N N 226 
PRO N   CD   sing N N 227 
PRO N   H    sing N N 228 
PRO CA  C    sing N N 229 
PRO CA  CB   sing N N 230 
PRO CA  HA   sing N N 231 
PRO C   O    doub N N 232 
PRO C   OXT  sing N N 233 
PRO CB  CG   sing N N 234 
PRO CB  HB2  sing N N 235 
PRO CB  HB3  sing N N 236 
PRO CG  CD   sing N N 237 
PRO CG  HG2  sing N N 238 
PRO CG  HG3  sing N N 239 
PRO CD  HD2  sing N N 240 
PRO CD  HD3  sing N N 241 
PRO OXT HXT  sing N N 242 
SER N   CA   sing N N 243 
SER N   H    sing N N 244 
SER N   H2   sing N N 245 
SER CA  C    sing N N 246 
SER CA  CB   sing N N 247 
SER CA  HA   sing N N 248 
SER C   O    doub N N 249 
SER C   OXT  sing N N 250 
SER CB  OG   sing N N 251 
SER CB  HB2  sing N N 252 
SER CB  HB3  sing N N 253 
SER OG  HG   sing N N 254 
SER OXT HXT  sing N N 255 
THR N   CA   sing N N 256 
THR N   H    sing N N 257 
THR N   H2   sing N N 258 
THR CA  C    sing N N 259 
THR CA  CB   sing N N 260 
THR CA  HA   sing N N 261 
THR C   O    doub N N 262 
THR C   OXT  sing N N 263 
THR CB  OG1  sing N N 264 
THR CB  CG2  sing N N 265 
THR CB  HB   sing N N 266 
THR OG1 HG1  sing N N 267 
THR CG2 HG21 sing N N 268 
THR CG2 HG22 sing N N 269 
THR CG2 HG23 sing N N 270 
THR OXT HXT  sing N N 271 
TYR N   CA   sing N N 272 
TYR N   H    sing N N 273 
TYR N   H2   sing N N 274 
TYR CA  C    sing N N 275 
TYR CA  CB   sing N N 276 
TYR CA  HA   sing N N 277 
TYR C   O    doub N N 278 
TYR C   OXT  sing N N 279 
TYR CB  CG   sing N N 280 
TYR CB  HB2  sing N N 281 
TYR CB  HB3  sing N N 282 
TYR CG  CD1  doub Y N 283 
TYR CG  CD2  sing Y N 284 
TYR CD1 CE1  sing Y N 285 
TYR CD1 HD1  sing N N 286 
TYR CD2 CE2  doub Y N 287 
TYR CD2 HD2  sing N N 288 
TYR CE1 CZ   doub Y N 289 
TYR CE1 HE1  sing N N 290 
TYR CE2 CZ   sing Y N 291 
TYR CE2 HE2  sing N N 292 
TYR CZ  OH   sing N N 293 
TYR OH  HH   sing N N 294 
TYR OXT HXT  sing N N 295 
VAL N   CA   sing N N 296 
VAL N   H    sing N N 297 
VAL N   H2   sing N N 298 
VAL CA  C    sing N N 299 
VAL CA  CB   sing N N 300 
VAL CA  HA   sing N N 301 
VAL C   O    doub N N 302 
VAL C   OXT  sing N N 303 
VAL CB  CG1  sing N N 304 
VAL CB  CG2  sing N N 305 
VAL CB  HB   sing N N 306 
VAL CG1 HG11 sing N N 307 
VAL CG1 HG12 sing N N 308 
VAL CG1 HG13 sing N N 309 
VAL CG2 HG21 sing N N 310 
VAL CG2 HG22 sing N N 311 
VAL CG2 HG23 sing N N 312 
VAL OXT HXT  sing N N 313 
# 
_pdbx_entity_nonpoly.entity_id   2 
_pdbx_entity_nonpoly.name        water 
_pdbx_entity_nonpoly.comp_id     HOH 
# 
_pdbx_initial_refinement_model.id               1 
_pdbx_initial_refinement_model.entity_id_list   ? 
_pdbx_initial_refinement_model.type             'experimental model' 
_pdbx_initial_refinement_model.source_name      PDB 
_pdbx_initial_refinement_model.accession_code   1H0X 
_pdbx_initial_refinement_model.details          'PDB ENTRY 1h0x' 
# 
